data_6M2U
#
_entry.id   6M2U
#
_cell.length_a   58.524
_cell.length_b   94.656
_cell.length_c   94.355
_cell.angle_alpha   90.00
_cell.angle_beta   104.98
_cell.angle_gamma   90.00
#
_symmetry.space_group_name_H-M   'P 1 21 1'
#
loop_
_entity.id
_entity.type
_entity.pdbx_description
1 polymer 'Benzoate-coenzyme A ligase'
2 non-polymer 'ADENOSINE MONOPHOSPHATE'
3 non-polymer '2-chloranyl-1,3-thiazole-5-carboxylic acid'
4 water water
#
_entity_poly.entity_id   1
_entity_poly.type   'polypeptide(L)'
_entity_poly.pdbx_seq_one_letter_code
;VTPPPEKFNFAEHLLQTNRVRPDKTAFVDDISSLSFAQLEAQTRQLAAALRAIGVKREERVLLLMLDGTDWPVAFLGAIY
AGIVPVAVNTLLTADDYAYMLEHSRAQAVLVSGALHPVLKAALTKSDHEVQRVIVSRPAAPLEPGEVDFAEFVGAHAPLE
KPAATQADDPAFWLYSSGSTGRPKGVVHTHANPYWTSELYGRNTLHLREDDVCFSAAKLFFAYGLGNALTFPMTVGATTL
LMGERPTPDAVFKRWLGGVGGVKPTVFYGAPTGYAGMLAAPNLPSRDQVALRLASSAGEALPAEIGQRFQRHFGLDIVDG
IGSTEMLAAFLSNLPDRVRYGTTGWPVPGYQIELRGDGGGPVADGEPGDLYIHGPSSATMYWGNRAKSRDTFQGGWTKSG
DKYVRNDDGSYTYAGRTDDMLKVSGIYVSPFEIEATLVQHPGVLEAAVVGVADEHGLTKPKAYVVPRPGQTLSETELKTF
IKDRLAPYKYPRSTVFVAELPKTATGKIQRFKLREGVL
;
_entity_poly.pdbx_strand_id   A,B
#
loop_
_chem_comp.id
_chem_comp.type
_chem_comp.name
_chem_comp.formula
AMP non-polymer 'ADENOSINE MONOPHOSPHATE' 'C10 H14 N5 O7 P'
F0O non-polymer '2-chloranyl-1,3-thiazole-5-carboxylic acid' 'C4 H2 Cl N O2 S'
#
# COMPACT_ATOMS: atom_id res chain seq x y z
N VAL A 1 -31.10 29.23 12.46
CA VAL A 1 -31.35 27.98 11.76
C VAL A 1 -31.93 26.96 12.72
N THR A 2 -33.04 26.37 12.35
CA THR A 2 -33.67 25.41 13.25
C THR A 2 -32.89 24.09 13.21
N PRO A 3 -32.60 23.49 14.36
CA PRO A 3 -31.85 22.23 14.34
C PRO A 3 -32.62 21.17 13.59
N PRO A 4 -31.94 20.19 13.01
CA PRO A 4 -32.67 19.09 12.38
C PRO A 4 -33.39 18.29 13.44
N PRO A 5 -34.50 17.66 13.10
CA PRO A 5 -35.18 16.78 14.05
C PRO A 5 -34.31 15.59 14.42
N GLU A 6 -34.54 15.04 15.60
CA GLU A 6 -33.65 13.96 16.03
C GLU A 6 -33.78 12.73 15.15
N LYS A 7 -34.96 12.47 14.61
CA LYS A 7 -35.14 11.48 13.56
C LYS A 7 -34.95 12.19 12.22
N PHE A 8 -33.92 11.81 11.50
CA PHE A 8 -33.48 12.63 10.38
C PHE A 8 -32.65 11.76 9.47
N ASN A 9 -33.01 11.72 8.20
CA ASN A 9 -32.20 11.08 7.17
C ASN A 9 -31.85 12.15 6.15
N PHE A 10 -30.57 12.48 6.04
CA PHE A 10 -30.21 13.63 5.21
C PHE A 10 -30.63 13.43 3.76
N ALA A 11 -30.54 12.20 3.25
CA ALA A 11 -30.92 11.97 1.86
C ALA A 11 -32.41 12.22 1.66
N GLU A 12 -33.24 11.65 2.53
CA GLU A 12 -34.67 11.95 2.48
C GLU A 12 -34.92 13.44 2.62
N HIS A 13 -34.17 14.12 3.48
CA HIS A 13 -34.34 15.58 3.63
C HIS A 13 -34.12 16.28 2.30
N LEU A 14 -33.05 15.94 1.59
CA LEU A 14 -32.79 16.61 0.32
C LEU A 14 -33.81 16.24 -0.74
N LEU A 15 -34.26 14.97 -0.77
CA LEU A 15 -35.29 14.60 -1.71
C LEU A 15 -36.58 15.34 -1.42
N GLN A 16 -36.98 15.40 -0.14
CA GLN A 16 -38.23 16.05 0.22
C GLN A 16 -38.22 17.53 -0.14
N THR A 17 -37.10 18.20 0.13
CA THR A 17 -36.96 19.62 -0.18
C THR A 17 -37.29 19.93 -1.63
N ASN A 18 -37.06 19.00 -2.54
CA ASN A 18 -37.16 19.28 -3.96
C ASN A 18 -38.36 18.63 -4.60
N ARG A 19 -39.28 18.09 -3.81
CA ARG A 19 -40.49 17.56 -4.41
C ARG A 19 -41.35 18.67 -5.01
N VAL A 20 -41.14 19.91 -4.57
CA VAL A 20 -41.80 21.06 -5.19
C VAL A 20 -41.30 21.35 -6.60
N ARG A 21 -40.15 20.80 -7.00
CA ARG A 21 -39.55 21.14 -8.29
C ARG A 21 -39.11 19.88 -9.04
N PRO A 22 -40.03 18.93 -9.25
CA PRO A 22 -39.62 17.62 -9.78
C PRO A 22 -38.97 17.70 -11.15
N ASP A 23 -39.35 18.66 -11.98
CA ASP A 23 -38.89 18.69 -13.36
C ASP A 23 -37.71 19.64 -13.56
N LYS A 24 -37.28 20.34 -12.52
CA LYS A 24 -36.08 21.15 -12.65
C LYS A 24 -34.87 20.25 -12.72
N THR A 25 -33.86 20.68 -13.46
CA THR A 25 -32.63 19.90 -13.55
C THR A 25 -31.89 19.96 -12.23
N ALA A 26 -31.61 18.80 -11.65
CA ALA A 26 -30.82 18.71 -10.43
C ALA A 26 -29.34 18.66 -10.75
N PHE A 27 -28.95 17.75 -11.65
CA PHE A 27 -27.56 17.55 -12.05
C PHE A 27 -27.48 17.32 -13.55
N VAL A 28 -26.43 17.85 -14.14
CA VAL A 28 -26.18 17.64 -15.56
C VAL A 28 -24.67 17.56 -15.74
N ASP A 29 -24.24 16.64 -16.59
CA ASP A 29 -22.83 16.53 -16.94
C ASP A 29 -22.75 16.44 -18.46
N ASP A 30 -21.60 15.99 -18.96
CA ASP A 30 -21.36 16.05 -20.41
C ASP A 30 -22.36 15.22 -21.20
N ILE A 31 -22.87 14.15 -20.61
CA ILE A 31 -23.62 13.15 -21.37
C ILE A 31 -24.98 12.84 -20.77
N SER A 32 -25.37 13.49 -19.69
CA SER A 32 -26.57 13.06 -18.99
C SER A 32 -27.10 14.22 -18.16
N SER A 33 -28.35 14.07 -17.74
CA SER A 33 -28.97 15.02 -16.83
C SER A 33 -30.03 14.29 -16.03
N LEU A 34 -30.23 14.75 -14.80
CA LEU A 34 -31.24 14.19 -13.90
C LEU A 34 -32.07 15.35 -13.38
N SER A 35 -33.38 15.28 -13.59
CA SER A 35 -34.26 16.16 -12.88
C SER A 35 -34.31 15.77 -11.41
N PHE A 36 -34.86 16.65 -10.57
CA PHE A 36 -35.00 16.27 -9.18
C PHE A 36 -35.85 15.02 -9.03
N ALA A 37 -36.86 14.86 -9.89
CA ALA A 37 -37.67 13.65 -9.82
C ALA A 37 -36.87 12.43 -10.20
N GLN A 38 -36.16 12.50 -11.33
CA GLN A 38 -35.32 11.39 -11.78
C GLN A 38 -34.27 11.05 -10.74
N LEU A 39 -33.68 12.08 -10.13
CA LEU A 39 -32.72 11.85 -9.06
C LEU A 39 -33.35 11.08 -7.90
N GLU A 40 -34.53 11.54 -7.43
CA GLU A 40 -35.18 10.83 -6.33
C GLU A 40 -35.48 9.38 -6.71
N ALA A 41 -36.02 9.16 -7.90
CA ALA A 41 -36.27 7.79 -8.35
C ALA A 41 -34.99 6.97 -8.33
N GLN A 42 -33.95 7.46 -8.99
CA GLN A 42 -32.73 6.66 -9.10
C GLN A 42 -32.09 6.46 -7.75
N THR A 43 -32.16 7.48 -6.88
CA THR A 43 -31.62 7.39 -5.54
C THR A 43 -32.29 6.26 -4.75
N ARG A 44 -33.63 6.24 -4.77
CA ARG A 44 -34.35 5.23 -4.00
C ARG A 44 -34.21 3.84 -4.60
N GLN A 45 -34.07 3.73 -5.92
CA GLN A 45 -33.82 2.43 -6.52
C GLN A 45 -32.41 1.93 -6.18
N LEU A 46 -31.42 2.83 -6.16
CA LEU A 46 -30.09 2.44 -5.72
C LEU A 46 -30.12 2.01 -4.26
N ALA A 47 -30.85 2.74 -3.42
CA ALA A 47 -30.96 2.34 -2.02
C ALA A 47 -31.52 0.94 -1.91
N ALA A 48 -32.55 0.62 -2.70
CA ALA A 48 -33.11 -0.72 -2.67
C ALA A 48 -32.12 -1.73 -3.22
N ALA A 49 -31.38 -1.37 -4.27
CA ALA A 49 -30.44 -2.29 -4.86
C ALA A 49 -29.35 -2.67 -3.85
N LEU A 50 -28.80 -1.68 -3.14
CA LEU A 50 -27.79 -1.98 -2.14
C LEU A 50 -28.34 -2.90 -1.05
N ARG A 51 -29.55 -2.63 -0.58
CA ARG A 51 -30.16 -3.51 0.42
C ARG A 51 -30.36 -4.90 -0.15
N ALA A 52 -30.71 -4.99 -1.44
CA ALA A 52 -30.97 -6.29 -2.05
C ALA A 52 -29.74 -7.17 -2.11
N ILE A 53 -28.55 -6.58 -2.21
CA ILE A 53 -27.34 -7.40 -2.25
C ILE A 53 -26.79 -7.61 -0.84
N GLY A 54 -27.57 -7.22 0.16
CA GLY A 54 -27.25 -7.58 1.53
C GLY A 54 -26.51 -6.54 2.35
N VAL A 55 -26.19 -5.38 1.78
CA VAL A 55 -25.58 -4.33 2.59
C VAL A 55 -26.60 -3.84 3.60
N LYS A 56 -26.20 -3.81 4.86
CA LYS A 56 -27.10 -3.48 5.95
C LYS A 56 -26.88 -2.05 6.42
N ARG A 57 -27.88 -1.52 7.11
CA ARG A 57 -27.75 -0.22 7.75
C ARG A 57 -26.47 -0.15 8.58
N GLU A 58 -25.78 0.99 8.49
CA GLU A 58 -24.55 1.35 9.16
C GLU A 58 -23.31 0.72 8.53
N GLU A 59 -23.46 -0.23 7.62
CA GLU A 59 -22.29 -0.72 6.92
C GLU A 59 -21.83 0.33 5.91
N ARG A 60 -20.56 0.25 5.54
CA ARG A 60 -20.00 1.20 4.60
C ARG A 60 -19.98 0.64 3.18
N VAL A 61 -20.02 1.55 2.21
CA VAL A 61 -19.72 1.23 0.83
C VAL A 61 -18.72 2.26 0.35
N LEU A 62 -17.80 1.84 -0.51
CA LEU A 62 -16.79 2.76 -1.05
C LEU A 62 -17.38 3.43 -2.28
N LEU A 63 -17.31 4.75 -2.30
CA LEU A 63 -17.82 5.51 -3.43
C LEU A 63 -16.60 6.15 -4.11
N LEU A 64 -16.17 5.55 -5.22
CA LEU A 64 -14.95 5.93 -5.91
C LEU A 64 -15.36 6.32 -7.33
N MET A 65 -15.72 7.58 -7.52
CA MET A 65 -16.41 7.93 -8.75
C MET A 65 -16.04 9.34 -9.16
N LEU A 66 -15.82 9.51 -10.46
CA LEU A 66 -15.67 10.85 -11.03
C LEU A 66 -16.96 11.64 -10.88
N ASP A 67 -16.85 12.96 -10.93
CA ASP A 67 -18.05 13.79 -10.87
C ASP A 67 -18.93 13.49 -12.07
N GLY A 68 -20.20 13.26 -11.81
CA GLY A 68 -21.16 13.01 -12.87
C GLY A 68 -22.49 12.73 -12.21
N THR A 69 -23.52 12.66 -13.04
CA THR A 69 -24.87 12.51 -12.47
C THR A 69 -25.02 11.24 -11.64
N ASP A 70 -24.23 10.19 -11.89
CA ASP A 70 -24.30 8.98 -11.08
C ASP A 70 -23.82 9.21 -9.65
N TRP A 71 -22.93 10.19 -9.44
CA TRP A 71 -22.34 10.39 -8.12
C TRP A 71 -23.38 10.73 -7.06
N PRO A 72 -24.23 11.74 -7.23
CA PRO A 72 -25.22 12.02 -6.19
C PRO A 72 -26.22 10.89 -6.02
N VAL A 73 -26.51 10.14 -7.08
CA VAL A 73 -27.34 8.93 -6.94
C VAL A 73 -26.65 7.93 -6.00
N ALA A 74 -25.37 7.67 -6.22
CA ALA A 74 -24.67 6.73 -5.35
C ALA A 74 -24.63 7.24 -3.91
N PHE A 75 -24.29 8.51 -3.74
CA PHE A 75 -24.12 9.09 -2.42
C PHE A 75 -25.45 9.12 -1.66
N LEU A 76 -26.48 9.70 -2.27
CA LEU A 76 -27.75 9.83 -1.57
C LEU A 76 -28.46 8.49 -1.46
N GLY A 77 -28.28 7.60 -2.44
CA GLY A 77 -28.93 6.30 -2.37
C GLY A 77 -28.43 5.49 -1.21
N ALA A 78 -27.11 5.45 -1.01
CA ALA A 78 -26.57 4.82 0.19
C ALA A 78 -27.16 5.44 1.44
N ILE A 79 -27.11 6.77 1.54
CA ILE A 79 -27.57 7.43 2.75
C ILE A 79 -29.05 7.16 2.98
N TYR A 80 -29.83 7.16 1.90
CA TYR A 80 -31.27 6.93 2.02
C TYR A 80 -31.53 5.57 2.64
N ALA A 81 -30.73 4.58 2.27
CA ALA A 81 -30.84 3.24 2.83
C ALA A 81 -30.20 3.10 4.20
N GLY A 82 -29.64 4.17 4.76
CA GLY A 82 -28.91 4.08 6.01
C GLY A 82 -27.56 3.43 5.90
N ILE A 83 -27.07 3.30 4.70
CA ILE A 83 -25.74 2.76 4.41
C ILE A 83 -24.77 3.94 4.29
N VAL A 84 -23.55 3.75 4.78
CA VAL A 84 -22.60 4.86 4.96
C VAL A 84 -21.68 4.92 3.74
N PRO A 85 -21.87 5.83 2.80
CA PRO A 85 -20.92 5.93 1.68
C PRO A 85 -19.63 6.55 2.16
N VAL A 86 -18.54 6.03 1.67
CA VAL A 86 -17.20 6.50 1.99
C VAL A 86 -16.70 7.11 0.70
N ALA A 87 -16.78 8.44 0.60
CA ALA A 87 -16.56 9.12 -0.66
C ALA A 87 -15.09 9.50 -0.76
N VAL A 88 -14.39 8.98 -1.76
CA VAL A 88 -12.94 9.09 -1.74
C VAL A 88 -12.39 9.74 -3.00
N ASN A 89 -11.23 10.35 -2.82
CA ASN A 89 -10.42 10.94 -3.86
C ASN A 89 -10.19 9.94 -4.97
N THR A 90 -10.38 10.38 -6.21
CA THR A 90 -10.27 9.53 -7.38
C THR A 90 -8.86 9.47 -7.95
N LEU A 91 -7.91 10.16 -7.33
CA LEU A 91 -6.54 10.26 -7.82
CA LEU A 91 -6.55 10.22 -7.84
C LEU A 91 -5.55 9.51 -6.94
N LEU A 92 -6.01 8.56 -6.15
CA LEU A 92 -5.12 7.88 -5.21
C LEU A 92 -4.60 6.59 -5.85
N THR A 93 -3.71 5.91 -5.14
CA THR A 93 -3.13 4.67 -5.64
C THR A 93 -3.93 3.46 -5.21
N ALA A 94 -3.65 2.33 -5.87
CA ALA A 94 -4.28 1.08 -5.46
C ALA A 94 -4.02 0.79 -3.99
N ASP A 95 -2.84 1.15 -3.51
CA ASP A 95 -2.56 0.90 -2.09
C ASP A 95 -3.42 1.75 -1.18
N ASP A 96 -3.64 3.01 -1.54
CA ASP A 96 -4.54 3.84 -0.76
C ASP A 96 -5.92 3.21 -0.68
N TYR A 97 -6.45 2.79 -1.82
CA TYR A 97 -7.79 2.23 -1.81
C TYR A 97 -7.84 0.90 -1.07
N ALA A 98 -6.77 0.11 -1.15
CA ALA A 98 -6.74 -1.16 -0.42
C ALA A 98 -6.86 -0.90 1.06
N TYR A 99 -6.10 0.09 1.55
CA TYR A 99 -6.25 0.49 2.94
C TYR A 99 -7.68 0.93 3.23
N MET A 100 -8.23 1.81 2.41
CA MET A 100 -9.58 2.30 2.68
C MET A 100 -10.60 1.16 2.68
N LEU A 101 -10.45 0.21 1.77
CA LEU A 101 -11.36 -0.94 1.76
C LEU A 101 -11.31 -1.70 3.08
N GLU A 102 -10.11 -1.95 3.58
CA GLU A 102 -9.98 -2.72 4.81
C GLU A 102 -10.42 -1.90 6.00
N HIS A 103 -10.00 -0.64 6.03
CA HIS A 103 -10.24 0.20 7.19
C HIS A 103 -11.73 0.51 7.33
N SER A 104 -12.41 0.72 6.21
CA SER A 104 -13.86 0.98 6.21
C SER A 104 -14.69 -0.29 6.30
N ARG A 105 -14.09 -1.47 6.08
CA ARG A 105 -14.86 -2.71 5.91
C ARG A 105 -15.97 -2.51 4.89
N ALA A 106 -15.66 -1.81 3.80
CA ALA A 106 -16.66 -1.55 2.77
C ALA A 106 -17.25 -2.86 2.25
N GLN A 107 -18.57 -2.90 2.16
CA GLN A 107 -19.29 -4.10 1.73
C GLN A 107 -19.62 -4.09 0.26
N ALA A 108 -19.50 -2.94 -0.38
CA ALA A 108 -19.69 -2.84 -1.81
C ALA A 108 -18.87 -1.66 -2.28
N VAL A 109 -18.59 -1.64 -3.57
CA VAL A 109 -17.90 -0.52 -4.20
C VAL A 109 -18.76 -0.01 -5.34
N LEU A 110 -18.95 1.29 -5.39
CA LEU A 110 -19.54 1.99 -6.52
C LEU A 110 -18.39 2.76 -7.16
N VAL A 111 -18.05 2.39 -8.39
CA VAL A 111 -16.81 2.87 -8.99
C VAL A 111 -17.07 3.26 -10.44
N SER A 112 -16.49 4.40 -10.84
CA SER A 112 -16.48 4.80 -12.25
C SER A 112 -15.64 3.83 -13.07
N GLY A 113 -16.07 3.57 -14.31
CA GLY A 113 -15.29 2.68 -15.17
C GLY A 113 -13.84 3.10 -15.31
N ALA A 114 -13.60 4.41 -15.46
CA ALA A 114 -12.24 4.92 -15.59
C ALA A 114 -11.37 4.53 -14.40
N LEU A 115 -11.98 4.32 -13.23
CA LEU A 115 -11.27 3.98 -12.01
C LEU A 115 -11.32 2.50 -11.69
N HIS A 116 -11.92 1.68 -12.55
CA HIS A 116 -11.98 0.26 -12.26
C HIS A 116 -10.59 -0.38 -12.19
N PRO A 117 -9.60 0.02 -12.98
CA PRO A 117 -8.28 -0.66 -12.89
C PRO A 117 -7.62 -0.46 -11.53
N VAL A 118 -7.60 0.77 -11.03
CA VAL A 118 -6.99 0.98 -9.72
C VAL A 118 -7.79 0.26 -8.63
N LEU A 119 -9.12 0.21 -8.79
CA LEU A 119 -9.92 -0.50 -7.81
C LEU A 119 -9.64 -2.00 -7.86
N LYS A 120 -9.54 -2.55 -9.07
CA LYS A 120 -9.24 -3.96 -9.24
C LYS A 120 -7.93 -4.31 -8.53
N ALA A 121 -6.90 -3.48 -8.73
CA ALA A 121 -5.64 -3.68 -8.03
C ALA A 121 -5.83 -3.63 -6.52
N ALA A 122 -6.62 -2.66 -6.04
CA ALA A 122 -6.86 -2.55 -4.60
C ALA A 122 -7.57 -3.79 -4.06
N LEU A 123 -8.57 -4.29 -4.79
CA LEU A 123 -9.27 -5.48 -4.35
C LEU A 123 -8.33 -6.68 -4.28
N THR A 124 -7.52 -6.84 -5.31
CA THR A 124 -6.70 -8.04 -5.41
C THR A 124 -5.68 -8.11 -4.28
N LYS A 125 -5.21 -6.96 -3.82
CA LYS A 125 -4.12 -6.94 -2.86
C LYS A 125 -4.60 -6.92 -1.41
N SER A 126 -5.89 -6.70 -1.16
CA SER A 126 -6.35 -6.41 0.20
C SER A 126 -7.19 -7.53 0.77
N ASP A 127 -7.31 -7.49 2.09
CA ASP A 127 -8.20 -8.37 2.86
C ASP A 127 -9.53 -7.65 3.07
N HIS A 128 -10.24 -7.47 1.96
CA HIS A 128 -11.45 -6.68 1.94
C HIS A 128 -12.69 -7.55 2.14
N GLU A 129 -13.82 -6.88 2.34
CA GLU A 129 -15.10 -7.54 2.53
C GLU A 129 -16.10 -7.13 1.46
N VAL A 130 -15.61 -6.72 0.29
CA VAL A 130 -16.48 -6.24 -0.78
C VAL A 130 -17.28 -7.40 -1.34
N GLN A 131 -18.61 -7.29 -1.28
CA GLN A 131 -19.55 -8.28 -1.80
C GLN A 131 -19.91 -8.03 -3.25
N ARG A 132 -19.84 -6.78 -3.70
CA ARG A 132 -20.26 -6.47 -5.06
C ARG A 132 -19.56 -5.20 -5.51
N VAL A 133 -19.16 -5.19 -6.77
CA VAL A 133 -18.61 -4.01 -7.45
C VAL A 133 -19.63 -3.57 -8.48
N ILE A 134 -20.05 -2.32 -8.37
CA ILE A 134 -21.04 -1.72 -9.22
C ILE A 134 -20.31 -0.66 -10.02
N VAL A 135 -20.29 -0.80 -11.34
CA VAL A 135 -19.43 0.01 -12.18
C VAL A 135 -20.30 1.02 -12.91
N SER A 136 -20.08 2.30 -12.60
CA SER A 136 -20.73 3.39 -13.33
C SER A 136 -19.94 3.71 -14.58
N ARG A 137 -20.57 3.56 -15.75
CA ARG A 137 -19.95 3.88 -17.03
C ARG A 137 -18.70 3.05 -17.25
N PRO A 138 -18.85 1.73 -17.34
CA PRO A 138 -17.68 0.87 -17.54
C PRO A 138 -16.87 1.27 -18.75
N ALA A 139 -15.55 1.14 -18.63
CA ALA A 139 -14.63 1.44 -19.71
C ALA A 139 -13.98 0.18 -20.24
N ALA A 140 -14.30 -0.96 -19.65
CA ALA A 140 -13.78 -2.24 -20.08
C ALA A 140 -14.80 -3.29 -19.70
N PRO A 141 -14.69 -4.49 -20.25
CA PRO A 141 -15.68 -5.53 -19.94
C PRO A 141 -15.84 -5.71 -18.44
N LEU A 142 -17.09 -5.91 -18.02
CA LEU A 142 -17.37 -6.27 -16.65
C LEU A 142 -16.75 -7.62 -16.32
N GLU A 143 -16.21 -7.74 -15.12
CA GLU A 143 -15.73 -9.03 -14.65
C GLU A 143 -16.87 -9.83 -14.05
N PRO A 144 -16.74 -11.15 -14.01
CA PRO A 144 -17.81 -11.98 -13.43
C PRO A 144 -18.22 -11.46 -12.06
N GLY A 145 -19.52 -11.30 -11.86
CA GLY A 145 -20.05 -10.80 -10.62
C GLY A 145 -20.26 -9.29 -10.56
N GLU A 146 -19.56 -8.53 -11.38
CA GLU A 146 -19.74 -7.09 -11.40
C GLU A 146 -21.02 -6.72 -12.13
N VAL A 147 -21.61 -5.60 -11.74
CA VAL A 147 -22.84 -5.14 -12.36
C VAL A 147 -22.64 -3.69 -12.81
N ASP A 148 -23.25 -3.36 -13.95
CA ASP A 148 -23.31 -1.98 -14.42
C ASP A 148 -24.23 -1.17 -13.52
N PHE A 149 -23.79 0.06 -13.17
CA PHE A 149 -24.56 0.94 -12.30
C PHE A 149 -25.97 1.17 -12.82
N ALA A 150 -26.11 1.45 -14.12
CA ALA A 150 -27.45 1.70 -14.67
C ALA A 150 -28.33 0.46 -14.55
N GLU A 151 -27.80 -0.71 -14.90
CA GLU A 151 -28.59 -1.93 -14.73
C GLU A 151 -28.88 -2.18 -13.27
N PHE A 152 -27.89 -1.99 -12.40
CA PHE A 152 -28.08 -2.20 -10.97
C PHE A 152 -29.22 -1.34 -10.44
N VAL A 153 -29.22 -0.05 -10.80
CA VAL A 153 -30.29 0.82 -10.35
C VAL A 153 -31.60 0.44 -11.01
N GLY A 154 -31.57 0.21 -12.33
CA GLY A 154 -32.78 -0.07 -13.06
C GLY A 154 -33.44 -1.39 -12.68
N ALA A 155 -32.67 -2.33 -12.13
CA ALA A 155 -33.17 -3.66 -11.83
C ALA A 155 -33.95 -3.74 -10.53
N HIS A 156 -34.08 -2.64 -9.80
CA HIS A 156 -34.68 -2.69 -8.47
C HIS A 156 -35.72 -1.59 -8.30
N ALA A 157 -36.85 -1.97 -7.72
CA ALA A 157 -37.90 -1.01 -7.42
C ALA A 157 -37.42 -0.05 -6.32
N PRO A 158 -37.85 1.20 -6.36
CA PRO A 158 -37.42 2.17 -5.34
C PRO A 158 -37.85 1.73 -3.95
N LEU A 159 -36.92 1.88 -3.01
CA LEU A 159 -37.23 1.72 -1.59
C LEU A 159 -38.35 2.66 -1.20
N GLU A 160 -39.29 2.17 -0.40
CA GLU A 160 -40.49 2.95 -0.10
C GLU A 160 -40.26 3.99 0.97
N LYS A 161 -39.31 3.77 1.87
CA LYS A 161 -39.01 4.70 2.94
C LYS A 161 -37.51 4.70 3.18
N PRO A 162 -36.95 5.81 3.64
CA PRO A 162 -35.54 5.81 4.03
C PRO A 162 -35.36 5.08 5.36
N ALA A 163 -34.13 4.66 5.60
CA ALA A 163 -33.78 4.14 6.92
C ALA A 163 -34.10 5.18 8.00
N ALA A 164 -34.62 4.69 9.13
CA ALA A 164 -35.10 5.56 10.20
C ALA A 164 -33.94 6.05 11.07
N THR A 165 -33.01 6.73 10.42
CA THR A 165 -31.80 7.18 11.08
C THR A 165 -32.08 8.37 11.99
N GLN A 166 -31.17 8.57 12.93
CA GLN A 166 -31.18 9.77 13.75
C GLN A 166 -30.18 10.80 13.20
N ALA A 167 -30.41 12.07 13.55
CA ALA A 167 -29.58 13.16 13.06
C ALA A 167 -28.10 12.95 13.43
N ASP A 168 -27.83 12.44 14.62
CA ASP A 168 -26.44 12.25 15.01
C ASP A 168 -25.89 10.87 14.64
N ASP A 169 -26.61 10.10 13.84
CA ASP A 169 -26.04 8.87 13.32
C ASP A 169 -25.02 9.19 12.22
N PRO A 170 -23.98 8.37 12.10
CA PRO A 170 -23.09 8.52 10.94
C PRO A 170 -23.87 8.44 9.65
N ALA A 171 -23.53 9.34 8.73
CA ALA A 171 -24.15 9.37 7.42
C ALA A 171 -23.18 9.02 6.30
N PHE A 172 -21.95 9.50 6.39
CA PHE A 172 -20.96 9.27 5.35
C PHE A 172 -19.58 9.53 5.94
N TRP A 173 -18.55 9.01 5.28
CA TRP A 173 -17.17 9.31 5.63
C TRP A 173 -16.50 10.01 4.47
N LEU A 174 -15.53 10.84 4.81
CA LEU A 174 -14.51 11.32 3.90
C LEU A 174 -13.17 10.91 4.49
N TYR A 175 -12.16 10.78 3.65
CA TYR A 175 -10.82 10.49 4.14
C TYR A 175 -9.95 11.74 4.02
N SER A 176 -9.14 11.99 5.04
CA SER A 176 -8.23 13.11 5.03
C SER A 176 -6.86 12.64 5.50
N SER A 177 -5.81 13.07 4.81
CA SER A 177 -4.47 12.62 5.17
C SER A 177 -3.74 13.67 6.01
N GLY A 178 -2.92 13.19 6.95
CA GLY A 178 -1.99 14.02 7.68
C GLY A 178 -0.56 13.80 7.19
N SER A 179 0.39 14.41 7.89
CA SER A 179 1.75 14.44 7.35
C SER A 179 2.39 13.05 7.31
N THR A 180 1.95 12.17 8.20
CA THR A 180 2.38 10.78 8.19
C THR A 180 1.17 9.92 8.49
N GLY A 181 1.35 8.63 8.30
CA GLY A 181 0.31 7.68 8.64
C GLY A 181 -0.74 7.57 7.56
N ARG A 182 -1.70 6.70 7.83
CA ARG A 182 -2.73 6.40 6.86
C ARG A 182 -3.75 7.52 6.83
N PRO A 183 -4.48 7.65 5.72
CA PRO A 183 -5.60 8.59 5.68
C PRO A 183 -6.56 8.30 6.81
N LYS A 184 -7.12 9.36 7.37
CA LYS A 184 -8.03 9.28 8.51
C LYS A 184 -9.47 9.29 8.02
N GLY A 185 -10.25 8.35 8.51
CA GLY A 185 -11.66 8.26 8.14
C GLY A 185 -12.49 9.23 8.96
N VAL A 186 -12.87 10.34 8.33
CA VAL A 186 -13.60 11.40 9.02
C VAL A 186 -15.07 11.06 8.94
N VAL A 187 -15.71 10.89 10.10
CA VAL A 187 -17.08 10.39 10.16
C VAL A 187 -18.02 11.58 10.31
N HIS A 188 -18.94 11.74 9.37
CA HIS A 188 -19.91 12.82 9.45
C HIS A 188 -21.32 12.26 9.64
N THR A 189 -22.12 12.99 10.39
CA THR A 189 -23.48 12.58 10.70
C THR A 189 -24.47 13.11 9.67
N HIS A 190 -25.72 12.65 9.78
CA HIS A 190 -26.78 13.19 8.95
C HIS A 190 -26.98 14.69 9.16
N ALA A 191 -26.83 15.15 10.40
CA ALA A 191 -27.04 16.56 10.70
C ALA A 191 -25.96 17.44 10.09
N ASN A 192 -24.73 16.93 9.98
CA ASN A 192 -23.63 17.82 9.64
C ASN A 192 -23.83 18.51 8.29
N PRO A 193 -24.19 17.84 7.20
CA PRO A 193 -24.38 18.56 5.94
C PRO A 193 -25.65 19.40 5.92
N TYR A 194 -26.60 19.12 6.83
CA TYR A 194 -27.70 20.07 7.02
C TYR A 194 -27.16 21.38 7.57
N TRP A 195 -26.33 21.32 8.60
CA TRP A 195 -25.79 22.53 9.21
C TRP A 195 -24.96 23.32 8.20
N THR A 196 -24.06 22.66 7.48
CA THR A 196 -23.24 23.42 6.52
C THR A 196 -24.11 24.03 5.44
N SER A 197 -25.08 23.26 4.91
CA SER A 197 -25.86 23.77 3.80
C SER A 197 -26.77 24.92 4.21
N GLU A 198 -27.19 24.94 5.48
CA GLU A 198 -28.01 26.03 5.99
C GLU A 198 -27.15 27.22 6.42
N LEU A 199 -26.13 26.98 7.26
CA LEU A 199 -25.35 28.07 7.81
C LEU A 199 -24.45 28.71 6.77
N TYR A 200 -23.84 27.90 5.88
CA TYR A 200 -22.94 28.45 4.88
C TYR A 200 -23.62 28.57 3.51
N GLY A 201 -24.09 27.46 2.95
CA GLY A 201 -24.66 27.53 1.61
C GLY A 201 -25.80 28.53 1.50
N ARG A 202 -26.77 28.43 2.40
CA ARG A 202 -27.92 29.31 2.29
C ARG A 202 -27.65 30.64 2.97
N ASN A 203 -27.26 30.60 4.24
CA ASN A 203 -27.26 31.84 5.02
C ASN A 203 -26.03 32.70 4.82
N THR A 204 -24.95 32.17 4.24
CA THR A 204 -23.78 32.99 4.00
C THR A 204 -23.58 33.28 2.52
N LEU A 205 -23.53 32.24 1.69
CA LEU A 205 -23.42 32.43 0.24
C LEU A 205 -24.72 32.89 -0.41
N HIS A 206 -25.86 32.70 0.26
CA HIS A 206 -27.17 33.02 -0.29
C HIS A 206 -27.43 32.32 -1.61
N LEU A 207 -27.09 31.04 -1.68
CA LEU A 207 -27.46 30.25 -2.84
C LEU A 207 -28.97 30.22 -2.96
N ARG A 208 -29.46 30.15 -4.19
CA ARG A 208 -30.90 30.16 -4.39
C ARG A 208 -31.28 29.26 -5.54
N GLU A 209 -32.59 29.09 -5.69
CA GLU A 209 -33.11 28.08 -6.60
C GLU A 209 -32.65 28.32 -8.03
N ASP A 210 -32.56 29.57 -8.46
CA ASP A 210 -32.23 29.73 -9.87
C ASP A 210 -30.73 29.75 -10.14
N ASP A 211 -29.91 29.45 -9.14
CA ASP A 211 -28.47 29.33 -9.38
C ASP A 211 -28.15 28.09 -10.20
N VAL A 212 -27.04 28.16 -10.92
CA VAL A 212 -26.43 27.02 -11.57
C VAL A 212 -25.04 26.91 -10.96
N CYS A 213 -24.81 25.85 -10.20
CA CYS A 213 -23.60 25.69 -9.41
C CYS A 213 -22.59 24.84 -10.16
N PHE A 214 -21.34 25.24 -10.11
CA PHE A 214 -20.29 24.50 -10.79
C PHE A 214 -19.03 24.61 -9.96
N SER A 215 -18.48 23.46 -9.57
CA SER A 215 -17.35 23.40 -8.65
C SER A 215 -16.16 22.73 -9.32
N ALA A 216 -15.05 23.44 -9.43
CA ALA A 216 -13.82 22.78 -9.82
C ALA A 216 -13.42 21.72 -8.81
N ALA A 217 -13.74 21.97 -7.54
CA ALA A 217 -13.47 20.99 -6.49
C ALA A 217 -14.46 19.86 -6.61
N LYS A 218 -13.94 18.63 -6.71
CA LYS A 218 -14.76 17.46 -6.95
C LYS A 218 -15.62 17.10 -5.73
N LEU A 219 -16.61 16.25 -6.00
CA LEU A 219 -17.61 15.89 -5.02
C LEU A 219 -17.02 15.14 -3.83
N PHE A 220 -15.87 14.48 -3.99
CA PHE A 220 -15.33 13.76 -2.84
C PHE A 220 -14.61 14.68 -1.87
N PHE A 221 -14.24 15.89 -2.29
CA PHE A 221 -13.72 16.90 -1.38
C PHE A 221 -14.85 17.42 -0.53
N ALA A 222 -14.61 17.58 0.77
CA ALA A 222 -15.62 18.22 1.60
C ALA A 222 -16.10 19.51 0.95
N TYR A 223 -15.15 20.30 0.42
CA TYR A 223 -15.52 21.56 -0.22
C TYR A 223 -16.51 21.32 -1.34
N GLY A 224 -16.16 20.41 -2.25
CA GLY A 224 -17.00 20.19 -3.42
C GLY A 224 -18.31 19.51 -3.09
N LEU A 225 -18.30 18.64 -2.07
CA LEU A 225 -19.53 17.95 -1.67
C LEU A 225 -20.60 18.94 -1.26
N GLY A 226 -20.22 20.01 -0.57
CA GLY A 226 -21.18 21.08 -0.31
C GLY A 226 -21.48 21.87 -1.57
N ASN A 227 -20.43 22.35 -2.24
CA ASN A 227 -20.59 23.23 -3.40
C ASN A 227 -21.56 22.67 -4.42
N ALA A 228 -21.44 21.38 -4.71
CA ALA A 228 -22.05 20.78 -5.89
C ALA A 228 -22.98 19.64 -5.53
N LEU A 229 -23.36 19.53 -4.26
CA LEU A 229 -24.39 18.55 -3.91
C LEU A 229 -25.23 19.07 -2.76
N THR A 230 -24.69 19.18 -1.55
CA THR A 230 -25.58 19.49 -0.44
C THR A 230 -26.11 20.92 -0.53
N PHE A 231 -25.26 21.88 -0.87
CA PHE A 231 -25.74 23.26 -0.96
C PHE A 231 -26.80 23.43 -2.04
N PRO A 232 -26.54 23.07 -3.30
CA PRO A 232 -27.57 23.29 -4.32
C PRO A 232 -28.82 22.49 -4.06
N MET A 233 -28.71 21.26 -3.57
CA MET A 233 -29.93 20.50 -3.34
C MET A 233 -30.74 21.11 -2.23
N THR A 234 -30.07 21.76 -1.28
CA THR A 234 -30.78 22.40 -0.17
C THR A 234 -31.69 23.52 -0.66
N VAL A 235 -31.29 24.23 -1.71
CA VAL A 235 -32.05 25.38 -2.21
C VAL A 235 -32.74 25.11 -3.54
N GLY A 236 -32.55 23.93 -4.12
CA GLY A 236 -33.11 23.62 -5.42
C GLY A 236 -32.37 24.19 -6.61
N ALA A 237 -31.12 24.59 -6.43
CA ALA A 237 -30.32 25.04 -7.56
C ALA A 237 -30.00 23.87 -8.48
N THR A 238 -29.68 24.20 -9.72
CA THR A 238 -29.18 23.23 -10.69
C THR A 238 -27.66 23.15 -10.60
N THR A 239 -27.12 21.94 -10.70
CA THR A 239 -25.70 21.71 -10.54
C THR A 239 -25.10 21.12 -11.80
N LEU A 240 -24.05 21.76 -12.29
CA LEU A 240 -23.25 21.24 -13.39
C LEU A 240 -22.10 20.43 -12.81
N LEU A 241 -21.94 19.20 -13.29
CA LEU A 241 -20.86 18.32 -12.87
C LEU A 241 -20.00 18.01 -14.08
N MET A 242 -18.70 17.82 -13.82
CA MET A 242 -17.70 17.63 -14.86
C MET A 242 -16.74 16.55 -14.41
N GLY A 243 -16.67 15.46 -15.18
CA GLY A 243 -15.80 14.36 -14.78
C GLY A 243 -14.33 14.63 -14.98
N GLU A 244 -13.99 15.42 -16.01
CA GLU A 244 -12.60 15.58 -16.38
C GLU A 244 -11.88 16.55 -15.45
N ARG A 245 -10.57 16.60 -15.61
CA ARG A 245 -9.74 17.49 -14.80
C ARG A 245 -10.10 18.95 -15.08
N PRO A 246 -10.23 19.78 -14.04
CA PRO A 246 -10.68 21.18 -14.20
C PRO A 246 -9.60 22.16 -14.62
N THR A 247 -9.17 22.04 -15.87
CA THR A 247 -8.28 23.03 -16.47
C THR A 247 -9.01 24.35 -16.75
N PRO A 248 -8.28 25.42 -16.99
CA PRO A 248 -8.95 26.66 -17.39
C PRO A 248 -9.86 26.45 -18.57
N ASP A 249 -9.40 25.75 -19.60
CA ASP A 249 -10.22 25.56 -20.79
C ASP A 249 -11.48 24.78 -20.46
N ALA A 250 -11.35 23.71 -19.67
CA ALA A 250 -12.52 22.95 -19.28
C ALA A 250 -13.51 23.80 -18.50
N VAL A 251 -12.99 24.62 -17.58
CA VAL A 251 -13.87 25.47 -16.78
C VAL A 251 -14.51 26.54 -17.66
N PHE A 252 -13.71 27.18 -18.52
CA PHE A 252 -14.25 28.23 -19.38
C PHE A 252 -15.36 27.67 -20.26
N LYS A 253 -15.15 26.49 -20.82
CA LYS A 253 -16.17 25.92 -21.68
C LYS A 253 -17.52 25.85 -20.99
N ARG A 254 -17.50 25.50 -19.71
CA ARG A 254 -18.77 25.39 -19.01
C ARG A 254 -19.27 26.74 -18.51
N TRP A 255 -18.37 27.64 -18.10
CA TRP A 255 -18.80 29.00 -17.80
C TRP A 255 -19.60 29.58 -18.95
N LEU A 256 -19.16 29.30 -20.19
CA LEU A 256 -19.74 29.85 -21.41
C LEU A 256 -20.99 29.11 -21.84
N GLY A 257 -21.40 28.08 -21.12
CA GLY A 257 -22.61 27.37 -21.44
C GLY A 257 -22.42 26.22 -22.40
N GLY A 258 -21.21 25.67 -22.48
CA GLY A 258 -20.95 24.59 -23.40
C GLY A 258 -21.55 23.25 -23.02
N VAL A 259 -22.14 23.12 -21.83
CA VAL A 259 -22.67 21.85 -21.37
C VAL A 259 -24.06 22.07 -20.78
N GLY A 260 -24.98 21.16 -21.09
CA GLY A 260 -26.30 21.18 -20.52
C GLY A 260 -27.15 22.39 -20.87
N GLY A 261 -26.68 23.25 -21.77
CA GLY A 261 -27.42 24.45 -22.06
C GLY A 261 -27.51 25.44 -20.92
N VAL A 262 -26.68 25.28 -19.89
CA VAL A 262 -26.73 26.13 -18.71
C VAL A 262 -25.41 26.88 -18.58
N LYS A 263 -25.50 28.13 -18.14
CA LYS A 263 -24.32 28.85 -17.71
C LYS A 263 -24.26 28.92 -16.20
N PRO A 264 -23.15 28.51 -15.59
CA PRO A 264 -23.03 28.61 -14.13
C PRO A 264 -23.19 30.05 -13.65
N THR A 265 -23.91 30.19 -12.53
CA THR A 265 -23.94 31.46 -11.80
C THR A 265 -23.07 31.47 -10.57
N VAL A 266 -22.69 30.30 -10.06
CA VAL A 266 -21.84 30.20 -8.88
C VAL A 266 -20.70 29.28 -9.23
N PHE A 267 -19.48 29.76 -9.02
CA PHE A 267 -18.31 28.93 -9.28
C PHE A 267 -17.50 28.81 -8.00
N TYR A 268 -16.93 27.63 -7.81
CA TYR A 268 -16.09 27.35 -6.67
C TYR A 268 -14.79 26.72 -7.14
N GLY A 269 -13.69 27.08 -6.50
CA GLY A 269 -12.45 26.41 -6.82
C GLY A 269 -11.34 26.86 -5.90
N ALA A 270 -10.13 26.36 -6.17
CA ALA A 270 -8.99 26.72 -5.35
C ALA A 270 -8.29 27.96 -5.91
N PRO A 271 -7.65 28.76 -5.04
CA PRO A 271 -6.85 29.90 -5.53
C PRO A 271 -5.91 29.54 -6.68
N THR A 272 -5.24 28.39 -6.60
CA THR A 272 -4.37 27.96 -7.70
C THR A 272 -5.12 27.93 -9.03
N GLY A 273 -6.36 27.42 -9.02
CA GLY A 273 -7.13 27.41 -10.25
C GLY A 273 -7.52 28.79 -10.72
N TYR A 274 -7.89 29.66 -9.78
CA TYR A 274 -8.18 31.04 -10.15
C TYR A 274 -6.95 31.71 -10.76
N ALA A 275 -5.77 31.46 -10.18
CA ALA A 275 -4.55 32.00 -10.76
C ALA A 275 -4.34 31.46 -12.17
N GLY A 276 -4.51 30.14 -12.34
CA GLY A 276 -4.39 29.53 -13.65
C GLY A 276 -5.37 30.10 -14.66
N MET A 277 -6.60 30.35 -14.25
CA MET A 277 -7.57 30.92 -15.18
C MET A 277 -7.22 32.36 -15.54
N LEU A 278 -6.75 33.14 -14.56
CA LEU A 278 -6.40 34.52 -14.82
C LEU A 278 -5.20 34.62 -15.76
N ALA A 279 -4.36 33.60 -15.77
CA ALA A 279 -3.22 33.57 -16.68
C ALA A 279 -3.59 33.06 -18.06
N ALA A 280 -4.78 32.52 -18.23
CA ALA A 280 -5.16 31.88 -19.49
C ALA A 280 -5.45 32.92 -20.57
N PRO A 281 -4.91 32.77 -21.77
CA PRO A 281 -5.16 33.77 -22.83
C PRO A 281 -6.63 33.88 -23.21
N ASN A 282 -7.41 32.80 -23.09
CA ASN A 282 -8.82 32.83 -23.43
C ASN A 282 -9.71 33.03 -22.21
N LEU A 283 -9.20 33.66 -21.16
CA LEU A 283 -10.03 34.07 -20.04
C LEU A 283 -11.24 34.83 -20.55
N PRO A 284 -12.45 34.36 -20.24
CA PRO A 284 -13.64 35.03 -20.79
C PRO A 284 -13.82 36.41 -20.19
N SER A 285 -14.51 37.26 -20.93
CA SER A 285 -14.91 38.54 -20.38
C SER A 285 -16.17 38.38 -19.55
N ARG A 286 -16.41 39.33 -18.65
CA ARG A 286 -17.54 39.18 -17.75
C ARG A 286 -18.87 39.23 -18.47
N ASP A 287 -18.93 39.88 -19.63
CA ASP A 287 -20.16 39.87 -20.41
C ASP A 287 -20.47 38.51 -21.01
N GLN A 288 -19.47 37.63 -21.11
CA GLN A 288 -19.68 36.30 -21.67
C GLN A 288 -20.17 35.28 -20.66
N VAL A 289 -20.09 35.57 -19.37
CA VAL A 289 -20.37 34.58 -18.34
C VAL A 289 -21.56 35.06 -17.51
N ALA A 290 -22.10 34.16 -16.70
CA ALA A 290 -23.25 34.46 -15.86
C ALA A 290 -22.90 34.38 -14.39
N LEU A 291 -21.62 34.31 -14.08
CA LEU A 291 -21.18 34.25 -12.69
C LEU A 291 -21.70 35.43 -11.90
N ARG A 292 -22.30 35.14 -10.76
CA ARG A 292 -22.68 36.15 -9.78
C ARG A 292 -21.96 35.94 -8.47
N LEU A 293 -21.27 34.83 -8.30
CA LEU A 293 -20.61 34.51 -7.04
C LEU A 293 -19.46 33.57 -7.35
N ALA A 294 -18.29 33.91 -6.85
CA ALA A 294 -17.09 33.10 -7.04
C ALA A 294 -16.53 32.78 -5.67
N SER A 295 -16.48 31.49 -5.34
CA SER A 295 -16.05 31.02 -4.04
C SER A 295 -14.67 30.39 -4.18
N SER A 296 -13.83 30.55 -3.16
CA SER A 296 -12.58 29.82 -3.16
C SER A 296 -12.33 29.22 -1.79
N ALA A 297 -11.62 28.08 -1.80
CA ALA A 297 -11.17 27.46 -0.56
C ALA A 297 -10.02 26.53 -0.90
N GLY A 298 -9.41 26.01 0.16
CA GLY A 298 -8.43 24.94 0.03
C GLY A 298 -7.05 25.39 0.44
N GLU A 299 -6.72 26.61 0.06
CA GLU A 299 -5.49 27.27 0.42
C GLU A 299 -5.82 28.74 0.53
N ALA A 300 -4.94 29.50 1.16
CA ALA A 300 -5.23 30.92 1.30
C ALA A 300 -5.27 31.56 -0.09
N LEU A 301 -6.24 32.44 -0.29
CA LEU A 301 -6.32 33.18 -1.53
C LEU A 301 -5.34 34.36 -1.50
N PRO A 302 -4.30 34.38 -2.32
CA PRO A 302 -3.43 35.55 -2.31
C PRO A 302 -4.22 36.78 -2.74
N ALA A 303 -4.01 37.89 -2.03
CA ALA A 303 -4.79 39.08 -2.28
C ALA A 303 -4.73 39.50 -3.74
N GLU A 304 -3.54 39.39 -4.36
CA GLU A 304 -3.43 39.85 -5.74
C GLU A 304 -4.29 39.00 -6.68
N ILE A 305 -4.52 37.72 -6.36
CA ILE A 305 -5.38 36.92 -7.22
C ILE A 305 -6.82 37.41 -7.12
N GLY A 306 -7.30 37.60 -5.89
CA GLY A 306 -8.64 38.17 -5.71
C GLY A 306 -8.78 39.52 -6.37
N GLN A 307 -7.79 40.40 -6.18
CA GLN A 307 -7.86 41.74 -6.76
C GLN A 307 -7.87 41.69 -8.28
N ARG A 308 -7.01 40.85 -8.89
CA ARG A 308 -7.00 40.75 -10.34
C ARG A 308 -8.32 40.19 -10.86
N PHE A 309 -8.85 39.17 -10.19
CA PHE A 309 -10.17 38.64 -10.56
C PHE A 309 -11.24 39.73 -10.46
N GLN A 310 -11.22 40.50 -9.38
CA GLN A 310 -12.24 41.53 -9.23
C GLN A 310 -12.09 42.61 -10.29
N ARG A 311 -10.84 42.96 -10.62
CA ARG A 311 -10.62 43.97 -11.66
C ARG A 311 -11.10 43.49 -13.01
N HIS A 312 -10.89 42.20 -13.31
CA HIS A 312 -11.29 41.69 -14.61
C HIS A 312 -12.80 41.44 -14.70
N PHE A 313 -13.39 40.89 -13.64
CA PHE A 313 -14.78 40.45 -13.70
C PHE A 313 -15.77 41.39 -13.02
N GLY A 314 -15.31 42.33 -12.22
CA GLY A 314 -16.24 43.07 -11.39
C GLY A 314 -16.89 42.22 -10.34
N LEU A 315 -16.28 41.08 -10.02
CA LEU A 315 -16.80 40.11 -9.06
C LEU A 315 -15.68 39.76 -8.10
N ASP A 316 -15.97 39.75 -6.81
CA ASP A 316 -14.92 39.31 -5.90
C ASP A 316 -14.81 37.79 -5.91
N ILE A 317 -13.70 37.31 -5.38
CA ILE A 317 -13.57 35.93 -4.96
C ILE A 317 -13.81 35.89 -3.46
N VAL A 318 -14.75 35.06 -3.04
CA VAL A 318 -15.17 34.96 -1.64
C VAL A 318 -14.40 33.78 -1.05
N ASP A 319 -13.36 34.10 -0.28
CA ASP A 319 -12.43 33.13 0.31
C ASP A 319 -12.97 32.68 1.66
N GLY A 320 -13.20 31.39 1.82
CA GLY A 320 -13.55 30.85 3.12
C GLY A 320 -12.70 29.63 3.39
N ILE A 321 -12.47 29.37 4.68
CA ILE A 321 -11.70 28.21 5.10
C ILE A 321 -12.66 27.22 5.73
N GLY A 322 -12.61 25.98 5.26
CA GLY A 322 -13.27 24.89 5.91
C GLY A 322 -12.28 23.77 6.05
N SER A 323 -12.74 22.61 6.51
CA SER A 323 -11.88 21.44 6.59
C SER A 323 -12.75 20.21 6.43
N THR A 324 -12.10 19.08 6.13
CA THR A 324 -12.84 17.83 6.09
C THR A 324 -13.54 17.59 7.41
N GLU A 325 -12.87 17.90 8.52
CA GLU A 325 -13.42 17.66 9.85
C GLU A 325 -14.63 18.55 10.14
N MET A 326 -14.60 19.80 9.68
CA MET A 326 -15.75 20.69 9.90
C MET A 326 -16.74 20.68 8.73
N LEU A 327 -16.43 19.94 7.67
CA LEU A 327 -17.27 19.73 6.50
C LEU A 327 -17.38 20.95 5.59
N ALA A 328 -17.62 22.13 6.13
CA ALA A 328 -17.61 23.32 5.25
C ALA A 328 -16.99 24.50 5.99
N ALA A 329 -17.15 25.69 5.42
CA ALA A 329 -16.45 26.87 5.93
C ALA A 329 -16.95 27.28 7.30
N PHE A 330 -16.00 27.63 8.16
CA PHE A 330 -16.28 28.21 9.46
C PHE A 330 -15.72 29.61 9.62
N LEU A 331 -14.82 30.03 8.74
CA LEU A 331 -14.36 31.41 8.63
C LEU A 331 -14.49 31.78 7.17
N SER A 332 -15.09 32.94 6.90
CA SER A 332 -15.29 33.22 5.49
C SER A 332 -15.51 34.71 5.29
N ASN A 333 -15.01 35.19 4.16
CA ASN A 333 -15.52 36.44 3.62
C ASN A 333 -16.99 36.26 3.22
N LEU A 334 -17.68 37.38 3.04
CA LEU A 334 -19.06 37.36 2.63
C LEU A 334 -19.20 37.81 1.17
N PRO A 335 -20.28 37.42 0.50
CA PRO A 335 -20.48 37.92 -0.87
C PRO A 335 -20.35 39.42 -0.99
N ASP A 336 -20.77 40.18 0.02
CA ASP A 336 -20.66 41.64 -0.04
C ASP A 336 -19.71 42.19 1.02
N ARG A 337 -18.87 41.35 1.60
CA ARG A 337 -17.87 41.82 2.56
C ARG A 337 -16.62 40.99 2.36
N VAL A 338 -15.67 41.53 1.61
CA VAL A 338 -14.44 40.85 1.23
C VAL A 338 -13.27 41.69 1.70
N ARG A 339 -12.37 41.07 2.45
CA ARG A 339 -11.09 41.70 2.78
C ARG A 339 -9.99 40.77 2.27
N TYR A 340 -9.42 41.09 1.12
CA TYR A 340 -8.36 40.24 0.61
C TYR A 340 -7.18 40.26 1.56
N GLY A 341 -6.44 39.16 1.58
CA GLY A 341 -5.43 38.98 2.60
C GLY A 341 -5.95 38.40 3.90
N THR A 342 -7.26 38.16 4.01
CA THR A 342 -7.86 37.52 5.18
C THR A 342 -8.84 36.45 4.73
N THR A 343 -9.20 35.57 5.66
CA THR A 343 -10.28 34.63 5.43
C THR A 343 -11.59 35.12 6.01
N GLY A 344 -11.69 36.41 6.25
CA GLY A 344 -12.95 36.97 6.68
C GLY A 344 -13.29 36.71 8.13
N TRP A 345 -14.57 36.50 8.39
CA TRP A 345 -15.15 36.52 9.73
C TRP A 345 -15.77 35.17 10.07
N PRO A 346 -15.94 34.88 11.36
CA PRO A 346 -16.57 33.61 11.71
C PRO A 346 -17.90 33.46 11.01
N VAL A 347 -18.16 32.26 10.51
CA VAL A 347 -19.47 31.95 9.96
C VAL A 347 -20.46 31.87 11.11
N PRO A 348 -21.55 32.63 11.08
CA PRO A 348 -22.55 32.53 12.16
C PRO A 348 -22.96 31.08 12.38
N GLY A 349 -23.01 30.69 13.66
CA GLY A 349 -23.21 29.32 14.05
C GLY A 349 -21.94 28.61 14.42
N TYR A 350 -20.79 29.19 14.10
CA TYR A 350 -19.48 28.64 14.43
C TYR A 350 -18.75 29.59 15.38
N GLN A 351 -18.19 29.03 16.44
CA GLN A 351 -17.34 29.78 17.36
C GLN A 351 -15.89 29.47 17.05
N ILE A 352 -15.07 30.51 17.07
CA ILE A 352 -13.66 30.44 16.73
C ILE A 352 -12.83 30.81 17.95
N GLU A 353 -11.76 30.05 18.20
CA GLU A 353 -10.78 30.40 19.22
C GLU A 353 -9.37 30.28 18.66
N LEU A 354 -8.51 31.22 19.03
CA LEU A 354 -7.08 31.15 18.80
C LEU A 354 -6.39 30.88 20.14
N ARG A 355 -5.58 29.82 20.20
CA ARG A 355 -4.98 29.38 21.46
C ARG A 355 -3.46 29.43 21.37
N GLY A 356 -2.82 29.81 22.47
CA GLY A 356 -1.38 29.89 22.53
C GLY A 356 -0.74 28.60 23.00
N ASP A 357 0.54 28.70 23.36
CA ASP A 357 1.33 27.54 23.74
C ASP A 357 0.73 26.76 24.92
N GLY A 358 -0.06 27.42 25.77
CA GLY A 358 -0.69 26.75 26.89
C GLY A 358 -2.18 26.55 26.76
N GLY A 359 -2.76 26.77 25.58
CA GLY A 359 -4.18 26.61 25.43
C GLY A 359 -5.00 27.81 25.82
N GLY A 360 -4.36 28.90 26.22
CA GLY A 360 -5.08 30.09 26.60
C GLY A 360 -5.32 30.99 25.42
N PRO A 361 -6.13 32.03 25.61
CA PRO A 361 -6.37 32.99 24.53
C PRO A 361 -5.09 33.74 24.16
N VAL A 362 -5.04 34.19 22.91
CA VAL A 362 -3.92 35.00 22.42
C VAL A 362 -4.45 36.40 22.16
N ALA A 363 -3.56 37.38 22.32
CA ALA A 363 -3.97 38.77 22.12
C ALA A 363 -4.10 39.07 20.63
N ASP A 364 -5.07 39.93 20.31
CA ASP A 364 -5.32 40.32 18.93
C ASP A 364 -4.03 40.72 18.25
N GLY A 365 -3.89 40.32 16.98
CA GLY A 365 -2.67 40.57 16.22
C GLY A 365 -1.60 39.54 16.40
N GLU A 366 -1.75 38.65 17.36
CA GLU A 366 -0.82 37.55 17.59
C GLU A 366 -1.39 36.26 17.04
N PRO A 367 -0.53 35.40 16.50
CA PRO A 367 -1.01 34.11 15.99
C PRO A 367 -1.33 33.13 17.11
N GLY A 368 -2.41 32.37 16.90
CA GLY A 368 -2.74 31.27 17.79
C GLY A 368 -3.22 30.10 16.98
N ASP A 369 -3.26 28.94 17.63
CA ASP A 369 -3.78 27.74 16.99
C ASP A 369 -5.29 27.86 16.88
N LEU A 370 -5.82 27.57 15.70
CA LEU A 370 -7.24 27.79 15.43
C LEU A 370 -8.05 26.58 15.90
N TYR A 371 -9.03 26.84 16.74
CA TYR A 371 -9.98 25.82 17.17
C TYR A 371 -11.38 26.28 16.80
N ILE A 372 -12.23 25.33 16.40
CA ILE A 372 -13.55 25.65 15.90
C ILE A 372 -14.57 24.88 16.72
N HIS A 373 -15.64 25.57 17.11
CA HIS A 373 -16.78 24.97 17.75
C HIS A 373 -17.99 25.22 16.86
N GLY A 374 -18.50 24.17 16.21
CA GLY A 374 -19.65 24.32 15.36
C GLY A 374 -20.40 23.02 15.21
N PRO A 375 -21.62 23.09 14.68
CA PRO A 375 -22.51 21.94 14.66
C PRO A 375 -22.25 20.96 13.53
N SER A 376 -21.26 21.20 12.68
CA SER A 376 -20.98 20.31 11.56
C SER A 376 -19.73 19.49 11.80
N SER A 377 -19.15 19.52 12.99
CA SER A 377 -17.89 18.81 13.20
C SER A 377 -18.10 17.30 13.08
N ALA A 378 -17.14 16.66 12.42
CA ALA A 378 -17.05 15.22 12.47
C ALA A 378 -16.99 14.76 13.92
N THR A 379 -17.43 13.52 14.13
CA THR A 379 -17.47 12.97 15.48
C THR A 379 -16.13 12.39 15.91
N MET A 380 -15.32 11.96 14.95
CA MET A 380 -14.16 11.14 15.24
C MET A 380 -13.44 10.86 13.94
N TYR A 381 -12.22 10.38 14.07
CA TYR A 381 -11.57 9.58 13.03
C TYR A 381 -11.84 8.11 13.33
N TRP A 382 -12.50 7.43 12.41
CA TRP A 382 -12.88 6.04 12.63
C TRP A 382 -11.66 5.19 12.94
N GLY A 383 -11.74 4.48 14.07
CA GLY A 383 -10.68 3.55 14.40
C GLY A 383 -9.38 4.16 14.81
N ASN A 384 -9.32 5.47 15.06
CA ASN A 384 -8.07 6.09 15.53
C ASN A 384 -8.44 6.95 16.72
N ARG A 385 -8.45 6.33 17.90
CA ARG A 385 -8.85 7.07 19.09
C ARG A 385 -7.80 8.11 19.48
N ALA A 386 -6.52 7.82 19.26
CA ALA A 386 -5.48 8.76 19.62
C ALA A 386 -5.60 10.05 18.82
N LYS A 387 -5.64 9.93 17.49
CA LYS A 387 -5.78 11.15 16.68
C LYS A 387 -7.12 11.82 16.92
N SER A 388 -8.16 11.04 17.19
CA SER A 388 -9.47 11.64 17.51
C SER A 388 -9.38 12.49 18.77
N ARG A 389 -8.70 11.99 19.81
CA ARG A 389 -8.60 12.75 21.06
C ARG A 389 -7.85 14.05 20.85
N ASP A 390 -6.81 14.02 20.02
CA ASP A 390 -6.01 15.20 19.76
C ASP A 390 -6.74 16.25 18.93
N THR A 391 -7.75 15.85 18.16
CA THR A 391 -8.43 16.79 17.26
C THR A 391 -9.78 17.24 17.79
N PHE A 392 -10.57 16.33 18.34
CA PHE A 392 -11.93 16.61 18.79
C PHE A 392 -11.94 16.54 20.32
N GLN A 393 -12.04 17.69 20.98
CA GLN A 393 -12.02 17.74 22.43
C GLN A 393 -13.13 18.64 22.91
N GLY A 394 -14.18 18.04 23.46
CA GLY A 394 -15.24 18.75 24.13
C GLY A 394 -15.86 19.88 23.33
N GLY A 395 -16.37 19.55 22.14
CA GLY A 395 -17.01 20.54 21.31
C GLY A 395 -16.08 21.37 20.47
N TRP A 396 -14.78 21.28 20.69
CA TRP A 396 -13.83 22.06 19.92
C TRP A 396 -13.06 21.14 18.98
N THR A 397 -12.82 21.63 17.77
CA THR A 397 -12.08 20.89 16.75
C THR A 397 -10.82 21.65 16.39
N LYS A 398 -9.67 21.00 16.58
CA LYS A 398 -8.39 21.61 16.29
C LYS A 398 -8.13 21.56 14.79
N SER A 399 -7.95 22.74 14.17
CA SER A 399 -7.78 22.78 12.72
C SER A 399 -6.39 22.39 12.24
N GLY A 400 -5.36 22.54 13.07
CA GLY A 400 -4.00 22.43 12.56
C GLY A 400 -3.50 23.68 11.85
N ASP A 401 -4.28 24.75 11.84
CA ASP A 401 -3.86 26.03 11.32
C ASP A 401 -3.53 26.99 12.46
N LYS A 402 -2.69 27.95 12.14
CA LYS A 402 -2.47 29.14 12.95
C LYS A 402 -3.11 30.33 12.26
N TYR A 403 -3.70 31.22 13.05
CA TYR A 403 -4.39 32.38 12.53
C TYR A 403 -4.14 33.57 13.43
N VAL A 404 -4.27 34.77 12.84
CA VAL A 404 -4.20 36.04 13.55
C VAL A 404 -5.54 36.73 13.41
N ARG A 405 -6.08 37.21 14.52
CA ARG A 405 -7.32 37.99 14.49
C ARG A 405 -6.98 39.46 14.32
N ASN A 406 -7.60 40.10 13.35
CA ASN A 406 -7.33 41.50 13.06
C ASN A 406 -8.30 42.40 13.82
N ASP A 407 -8.02 43.69 13.82
CA ASP A 407 -8.82 44.64 14.59
C ASP A 407 -10.27 44.66 14.13
N ASP A 408 -10.50 44.49 12.83
CA ASP A 408 -11.87 44.44 12.31
C ASP A 408 -12.54 43.10 12.50
N GLY A 409 -11.96 42.21 13.30
CA GLY A 409 -12.55 40.91 13.55
C GLY A 409 -12.31 39.89 12.47
N SER A 410 -11.61 40.25 11.40
CA SER A 410 -11.25 39.26 10.39
C SER A 410 -10.07 38.43 10.87
N TYR A 411 -9.81 37.36 10.14
CA TYR A 411 -8.78 36.39 10.50
C TYR A 411 -7.82 36.18 9.34
N THR A 412 -6.52 36.32 9.61
CA THR A 412 -5.49 36.19 8.59
C THR A 412 -4.70 34.92 8.82
N TYR A 413 -4.60 34.11 7.78
CA TYR A 413 -3.93 32.81 7.88
C TYR A 413 -2.46 33.00 8.24
N ALA A 414 -1.96 32.14 9.14
CA ALA A 414 -0.61 32.26 9.64
C ALA A 414 0.15 30.94 9.57
N GLY A 415 -0.27 30.03 8.70
CA GLY A 415 0.47 28.80 8.46
C GLY A 415 -0.14 27.62 9.19
N ARG A 416 0.50 26.47 8.98
CA ARG A 416 0.08 25.23 9.62
C ARG A 416 0.91 25.01 10.88
N THR A 417 0.38 24.15 11.75
CA THR A 417 1.15 23.65 12.87
C THR A 417 1.65 22.21 12.66
N ASP A 418 1.76 21.74 11.39
CA ASP A 418 2.13 20.33 11.24
C ASP A 418 2.88 19.94 9.96
N ASP A 419 3.50 20.85 9.23
CA ASP A 419 4.32 20.57 8.06
C ASP A 419 3.50 20.17 6.82
N MET A 420 2.20 19.91 6.95
CA MET A 420 1.41 19.65 5.75
C MET A 420 1.41 20.87 4.84
N LEU A 421 1.37 20.62 3.54
CA LEU A 421 1.20 21.67 2.56
C LEU A 421 -0.19 21.58 1.93
N LYS A 422 -0.70 22.73 1.51
CA LYS A 422 -1.86 22.80 0.63
C LYS A 422 -1.38 23.33 -0.71
N VAL A 423 -1.14 22.43 -1.63
CA VAL A 423 -0.70 22.78 -2.97
C VAL A 423 -1.92 22.62 -3.88
N SER A 424 -2.23 23.66 -4.65
CA SER A 424 -3.46 23.66 -5.43
C SER A 424 -4.65 23.42 -4.51
N GLY A 425 -4.53 23.86 -3.26
CA GLY A 425 -5.54 23.66 -2.25
C GLY A 425 -5.78 22.23 -1.80
N ILE A 426 -4.84 21.32 -2.05
CA ILE A 426 -4.99 19.90 -1.72
C ILE A 426 -3.86 19.49 -0.79
N TYR A 427 -4.16 18.63 0.18
CA TYR A 427 -3.14 18.20 1.14
C TYR A 427 -2.02 17.43 0.44
N VAL A 428 -0.79 17.88 0.67
CA VAL A 428 0.42 17.20 0.24
C VAL A 428 1.36 17.13 1.43
N SER A 429 1.84 15.91 1.75
CA SER A 429 2.80 15.77 2.83
C SER A 429 4.20 15.90 2.28
N PRO A 430 5.00 16.86 2.75
CA PRO A 430 6.40 16.91 2.30
C PRO A 430 7.12 15.61 2.56
N PHE A 431 6.76 14.91 3.65
CA PHE A 431 7.46 13.68 4.00
C PHE A 431 7.20 12.58 2.97
N GLU A 432 6.00 12.53 2.41
CA GLU A 432 5.78 11.59 1.32
C GLU A 432 6.71 11.88 0.16
N ILE A 433 6.78 13.14 -0.25
CA ILE A 433 7.61 13.48 -1.39
C ILE A 433 9.06 13.13 -1.10
N GLU A 434 9.55 13.47 0.09
CA GLU A 434 10.93 13.13 0.47
C GLU A 434 11.18 11.64 0.38
N ALA A 435 10.23 10.85 0.89
CA ALA A 435 10.43 9.40 0.90
C ALA A 435 10.41 8.82 -0.50
N THR A 436 9.67 9.46 -1.42
CA THR A 436 9.72 9.06 -2.83
C THR A 436 11.08 9.41 -3.44
N LEU A 437 11.57 10.62 -3.19
CA LEU A 437 12.83 11.04 -3.81
C LEU A 437 13.99 10.15 -3.39
N VAL A 438 14.09 9.83 -2.09
CA VAL A 438 15.24 9.05 -1.64
C VAL A 438 15.19 7.62 -2.12
N GLN A 439 14.09 7.18 -2.72
CA GLN A 439 14.13 5.87 -3.35
C GLN A 439 14.75 5.90 -4.74
N HIS A 440 15.09 7.08 -5.25
CA HIS A 440 15.84 7.11 -6.49
C HIS A 440 17.30 6.75 -6.19
N PRO A 441 17.91 5.88 -7.00
CA PRO A 441 19.24 5.37 -6.63
C PRO A 441 20.34 6.43 -6.57
N GLY A 442 20.17 7.56 -7.23
CA GLY A 442 21.16 8.61 -7.21
C GLY A 442 20.95 9.67 -6.15
N VAL A 443 19.97 9.49 -5.29
CA VAL A 443 19.61 10.48 -4.27
C VAL A 443 20.11 9.97 -2.93
N LEU A 444 20.85 10.80 -2.21
CA LEU A 444 21.30 10.42 -0.87
C LEU A 444 20.31 10.88 0.19
N GLU A 445 19.88 12.13 0.11
CA GLU A 445 18.98 12.73 1.08
C GLU A 445 18.08 13.69 0.34
N ALA A 446 16.89 13.93 0.91
CA ALA A 446 15.99 14.89 0.29
C ALA A 446 15.18 15.58 1.38
N ALA A 447 14.96 16.87 1.19
CA ALA A 447 14.11 17.65 2.07
C ALA A 447 13.14 18.43 1.20
N VAL A 448 11.86 18.42 1.55
CA VAL A 448 10.83 19.13 0.80
C VAL A 448 10.20 20.14 1.75
N VAL A 449 10.09 21.39 1.30
CA VAL A 449 9.44 22.43 2.06
C VAL A 449 8.49 23.16 1.12
N GLY A 450 7.54 23.90 1.72
CA GLY A 450 6.66 24.73 0.95
C GLY A 450 7.27 26.10 0.73
N VAL A 451 7.22 26.56 -0.51
CA VAL A 451 7.68 27.91 -0.85
C VAL A 451 6.61 28.57 -1.70
N ALA A 452 6.33 29.84 -1.40
CA ALA A 452 5.35 30.58 -2.19
C ALA A 452 5.94 30.94 -3.56
N ASP A 453 5.16 30.70 -4.60
CA ASP A 453 5.59 31.03 -5.96
C ASP A 453 5.32 32.50 -6.26
N GLU A 454 5.50 32.87 -7.54
CA GLU A 454 5.37 34.26 -7.96
C GLU A 454 3.97 34.82 -7.71
N HIS A 455 2.97 33.96 -7.52
CA HIS A 455 1.61 34.41 -7.24
C HIS A 455 1.25 34.26 -5.77
N GLY A 456 2.22 33.96 -4.92
CA GLY A 456 1.97 33.78 -3.50
C GLY A 456 1.37 32.44 -3.13
N LEU A 457 1.36 31.49 -4.07
CA LEU A 457 0.79 30.16 -3.86
C LEU A 457 1.88 29.19 -3.44
N THR A 458 1.63 28.43 -2.37
CA THR A 458 2.63 27.51 -1.87
C THR A 458 2.74 26.28 -2.78
N LYS A 459 3.96 25.94 -3.15
CA LYS A 459 4.29 24.76 -3.93
C LYS A 459 5.44 24.04 -3.25
N PRO A 460 5.55 22.73 -3.44
CA PRO A 460 6.67 22.01 -2.82
C PRO A 460 7.96 22.37 -3.53
N LYS A 461 9.03 22.49 -2.74
CA LYS A 461 10.36 22.73 -3.27
C LYS A 461 11.26 21.66 -2.66
N ALA A 462 12.02 20.97 -3.51
CA ALA A 462 12.84 19.85 -3.07
C ALA A 462 14.30 20.27 -3.01
N TYR A 463 14.97 19.94 -1.92
CA TYR A 463 16.41 20.09 -1.78
C TYR A 463 17.00 18.69 -1.71
N VAL A 464 17.84 18.36 -2.68
CA VAL A 464 18.26 16.98 -2.88
C VAL A 464 19.77 16.91 -2.77
N VAL A 465 20.26 16.00 -1.93
CA VAL A 465 21.68 15.71 -1.88
C VAL A 465 21.94 14.50 -2.77
N PRO A 466 22.68 14.63 -3.86
CA PRO A 466 22.95 13.47 -4.71
C PRO A 466 23.88 12.49 -4.01
N ARG A 467 23.72 11.23 -4.35
CA ARG A 467 24.61 10.21 -3.83
C ARG A 467 25.99 10.36 -4.48
N PRO A 468 27.06 10.42 -3.70
CA PRO A 468 28.40 10.45 -4.30
C PRO A 468 28.63 9.20 -5.15
N GLY A 469 29.23 9.41 -6.31
CA GLY A 469 29.52 8.31 -7.19
C GLY A 469 28.38 7.92 -8.11
N GLN A 470 27.31 8.69 -8.13
CA GLN A 470 26.18 8.45 -9.00
C GLN A 470 25.94 9.69 -9.86
N THR A 471 25.45 9.46 -11.07
CA THR A 471 25.03 10.54 -11.95
C THR A 471 23.54 10.76 -11.77
N LEU A 472 23.15 12.00 -11.50
CA LEU A 472 21.75 12.34 -11.25
C LEU A 472 21.47 13.71 -11.85
N SER A 473 20.51 13.76 -12.76
CA SER A 473 20.11 15.00 -13.41
C SER A 473 18.71 15.40 -12.96
N GLU A 474 18.42 16.70 -13.02
CA GLU A 474 17.10 17.17 -12.65
C GLU A 474 16.03 16.58 -13.57
N THR A 475 16.38 16.34 -14.84
CA THR A 475 15.41 15.76 -15.77
C THR A 475 15.09 14.32 -15.37
N GLU A 476 16.11 13.50 -15.10
CA GLU A 476 15.87 12.12 -14.70
C GLU A 476 15.10 12.05 -13.39
N LEU A 477 15.32 13.01 -12.50
CA LEU A 477 14.56 13.02 -11.25
C LEU A 477 13.10 13.39 -11.51
N LYS A 478 12.87 14.35 -12.41
CA LYS A 478 11.50 14.67 -12.80
C LYS A 478 10.81 13.46 -13.43
N THR A 479 11.50 12.75 -14.32
CA THR A 479 10.94 11.54 -14.90
C THR A 479 10.64 10.50 -13.83
N PHE A 480 11.55 10.36 -12.86
CA PHE A 480 11.37 9.36 -11.81
C PHE A 480 10.08 9.60 -11.03
N ILE A 481 9.82 10.86 -10.64
CA ILE A 481 8.67 11.14 -9.80
C ILE A 481 7.37 11.31 -10.59
N LYS A 482 7.45 11.53 -11.90
CA LYS A 482 6.24 11.76 -12.69
C LYS A 482 5.25 10.62 -12.54
N ASP A 483 5.73 9.38 -12.63
CA ASP A 483 4.87 8.20 -12.54
C ASP A 483 4.83 7.61 -11.14
N ARG A 484 5.25 8.38 -10.12
CA ARG A 484 5.19 7.92 -8.75
C ARG A 484 4.38 8.82 -7.82
N LEU A 485 4.10 10.05 -8.25
CA LEU A 485 3.32 10.98 -7.44
C LEU A 485 2.26 11.62 -8.31
N ALA A 486 1.12 11.93 -7.70
CA ALA A 486 0.13 12.74 -8.39
C ALA A 486 0.75 14.07 -8.82
N PRO A 487 0.33 14.63 -9.94
CA PRO A 487 0.96 15.87 -10.42
C PRO A 487 0.94 17.01 -9.41
N TYR A 488 -0.12 17.14 -8.61
CA TYR A 488 -0.18 18.25 -7.67
C TYR A 488 0.89 18.14 -6.59
N LYS A 489 1.49 16.97 -6.44
CA LYS A 489 2.57 16.76 -5.48
C LYS A 489 3.95 17.02 -6.07
N TYR A 490 4.05 17.26 -7.37
CA TYR A 490 5.36 17.48 -7.97
C TYR A 490 6.04 18.69 -7.32
N PRO A 491 7.28 18.57 -6.86
CA PRO A 491 8.05 19.76 -6.55
C PRO A 491 8.06 20.70 -7.75
N ARG A 492 7.75 21.97 -7.51
CA ARG A 492 7.84 22.93 -8.60
C ARG A 492 9.28 23.25 -8.94
N SER A 493 10.20 23.05 -8.00
CA SER A 493 11.61 23.24 -8.26
C SER A 493 12.37 22.25 -7.41
N THR A 494 13.49 21.78 -7.93
CA THR A 494 14.41 20.95 -7.17
C THR A 494 15.77 21.62 -7.19
N VAL A 495 16.37 21.75 -6.02
CA VAL A 495 17.72 22.29 -5.89
C VAL A 495 18.63 21.18 -5.42
N PHE A 496 19.71 20.94 -6.16
CA PHE A 496 20.71 19.99 -5.71
C PHE A 496 21.71 20.69 -4.82
N VAL A 497 21.90 20.16 -3.62
CA VAL A 497 22.78 20.77 -2.63
C VAL A 497 23.80 19.73 -2.20
N ALA A 498 24.89 20.21 -1.62
CA ALA A 498 25.95 19.33 -1.15
C ALA A 498 25.61 18.69 0.19
N GLU A 499 24.75 19.31 0.96
CA GLU A 499 24.41 18.86 2.30
C GLU A 499 23.13 19.56 2.72
N LEU A 500 22.46 18.98 3.70
CA LEU A 500 21.30 19.62 4.29
C LEU A 500 21.63 20.07 5.71
N PRO A 501 21.09 21.21 6.14
CA PRO A 501 21.26 21.64 7.53
C PRO A 501 20.54 20.68 8.47
N LYS A 502 21.26 20.19 9.48
CA LYS A 502 20.68 19.22 10.41
C LYS A 502 21.05 19.56 11.84
N THR A 503 20.26 19.00 12.75
CA THR A 503 20.62 18.94 14.16
C THR A 503 21.56 17.76 14.38
N ALA A 504 22.05 17.60 15.63
CA ALA A 504 22.97 16.51 15.88
C ALA A 504 22.29 15.15 15.79
N THR A 505 20.97 15.09 16.00
CA THR A 505 20.23 13.84 15.86
C THR A 505 19.95 13.49 14.41
N GLY A 506 20.32 14.34 13.46
CA GLY A 506 20.00 14.13 12.06
C GLY A 506 18.72 14.78 11.60
N LYS A 507 18.02 15.51 12.47
CA LYS A 507 16.79 16.18 12.07
C LYS A 507 17.09 17.31 11.09
N ILE A 508 16.40 17.30 9.95
CA ILE A 508 16.64 18.35 8.97
C ILE A 508 16.06 19.65 9.50
N GLN A 509 16.83 20.73 9.40
CA GLN A 509 16.36 22.03 9.86
C GLN A 509 15.58 22.68 8.71
N ARG A 510 14.35 22.20 8.54
CA ARG A 510 13.55 22.63 7.41
C ARG A 510 13.30 24.13 7.41
N PHE A 511 13.34 24.77 8.58
CA PHE A 511 13.07 26.21 8.59
C PHE A 511 14.17 26.96 7.85
N LYS A 512 15.41 26.48 7.94
CA LYS A 512 16.50 27.14 7.22
C LYS A 512 16.30 27.01 5.72
N LEU A 513 15.77 25.88 5.26
CA LEU A 513 15.49 25.73 3.84
C LEU A 513 14.41 26.71 3.39
N ARG A 514 13.40 26.94 4.23
CA ARG A 514 12.37 27.91 3.90
C ARG A 514 12.93 29.33 3.89
N GLU A 515 13.95 29.59 4.69
CA GLU A 515 14.57 30.91 4.78
C GLU A 515 15.59 31.16 3.67
N GLY A 516 15.65 30.30 2.65
CA GLY A 516 16.54 30.50 1.53
C GLY A 516 18.01 30.29 1.81
N VAL A 517 18.37 29.77 2.99
CA VAL A 517 19.77 29.60 3.37
C VAL A 517 20.55 28.73 2.39
N LEU A 518 19.87 27.91 1.58
CA LEU A 518 20.55 27.02 0.65
C LEU A 518 20.11 27.24 -0.79
N VAL B 1 15.10 -38.64 15.77
CA VAL B 1 15.45 -37.34 16.32
C VAL B 1 14.73 -37.11 17.67
N THR B 2 15.48 -36.75 18.69
CA THR B 2 14.86 -36.50 19.99
C THR B 2 14.11 -35.18 19.96
N PRO B 3 12.87 -35.13 20.44
CA PRO B 3 12.13 -33.88 20.44
C PRO B 3 12.84 -32.85 21.30
N PRO B 4 12.69 -31.57 20.98
CA PRO B 4 13.26 -30.54 21.84
C PRO B 4 12.56 -30.57 23.20
N PRO B 5 13.26 -30.20 24.26
CA PRO B 5 12.61 -30.15 25.58
C PRO B 5 11.50 -29.11 25.58
N GLU B 6 10.61 -29.23 26.57
CA GLU B 6 9.48 -28.30 26.65
C GLU B 6 9.96 -26.86 26.83
N LYS B 7 10.93 -26.65 27.72
CA LYS B 7 11.64 -25.37 27.81
C LYS B 7 12.74 -25.36 26.76
N PHE B 8 12.68 -24.41 25.84
CA PHE B 8 13.56 -24.48 24.69
C PHE B 8 13.60 -23.10 24.07
N ASN B 9 14.81 -22.61 23.80
CA ASN B 9 15.03 -21.39 23.06
C ASN B 9 15.91 -21.74 21.88
N PHE B 10 15.39 -21.58 20.67
CA PHE B 10 16.13 -22.06 19.51
C PHE B 10 17.46 -21.35 19.32
N ALA B 11 17.51 -20.04 19.62
CA ALA B 11 18.78 -19.34 19.49
C ALA B 11 19.80 -19.86 20.51
N GLU B 12 19.40 -19.98 21.77
CA GLU B 12 20.27 -20.62 22.75
C GLU B 12 20.72 -21.99 22.26
N HIS B 13 19.79 -22.77 21.70
CA HIS B 13 20.17 -24.10 21.22
C HIS B 13 21.28 -24.02 20.19
N LEU B 14 21.15 -23.10 19.22
CA LEU B 14 22.17 -23.01 18.19
C LEU B 14 23.49 -22.50 18.74
N LEU B 15 23.43 -21.54 19.67
CA LEU B 15 24.67 -21.06 20.29
C LEU B 15 25.34 -22.19 21.07
N GLN B 16 24.56 -22.89 21.88
CA GLN B 16 25.12 -23.94 22.73
C GLN B 16 25.78 -25.03 21.90
N THR B 17 25.16 -25.41 20.78
CA THR B 17 25.71 -26.51 20.04
C THR B 17 27.03 -26.16 19.38
N ASN B 18 27.42 -24.89 19.35
CA ASN B 18 28.67 -24.46 18.73
C ASN B 18 29.69 -23.94 19.72
N ARG B 19 29.42 -24.07 21.02
CA ARG B 19 30.42 -23.68 21.99
C ARG B 19 31.66 -24.55 21.90
N VAL B 20 31.57 -25.71 21.25
CA VAL B 20 32.74 -26.55 21.03
C VAL B 20 33.64 -26.03 19.91
N ARG B 21 33.17 -25.08 19.11
CA ARG B 21 33.94 -24.59 17.97
C ARG B 21 33.96 -23.06 17.94
N PRO B 22 34.37 -22.44 19.04
CA PRO B 22 34.25 -20.97 19.15
C PRO B 22 35.01 -20.22 18.08
N ASP B 23 36.10 -20.76 17.58
CA ASP B 23 36.93 -20.03 16.64
C ASP B 23 36.70 -20.41 15.19
N LYS B 24 35.81 -21.36 14.91
CA LYS B 24 35.48 -21.65 13.53
C LYS B 24 34.62 -20.52 12.96
N THR B 25 34.85 -20.20 11.68
CA THR B 25 34.03 -19.20 11.01
C THR B 25 32.59 -19.69 10.96
N ALA B 26 31.68 -18.91 11.53
CA ALA B 26 30.26 -19.21 11.42
C ALA B 26 29.67 -18.62 10.14
N PHE B 27 29.95 -17.35 9.89
CA PHE B 27 29.42 -16.63 8.75
C PHE B 27 30.49 -15.74 8.18
N VAL B 28 30.56 -15.70 6.85
CA VAL B 28 31.49 -14.82 6.16
C VAL B 28 30.77 -14.23 4.96
N ASP B 29 31.00 -12.93 4.73
CA ASP B 29 30.46 -12.31 3.54
C ASP B 29 31.55 -11.50 2.86
N ASP B 30 31.15 -10.64 1.92
CA ASP B 30 32.13 -9.87 1.15
C ASP B 30 33.07 -9.06 2.03
N ILE B 31 32.62 -8.62 3.19
CA ILE B 31 33.39 -7.61 3.91
C ILE B 31 33.57 -7.93 5.39
N SER B 32 33.14 -9.10 5.83
CA SER B 32 33.15 -9.34 7.27
C SER B 32 33.06 -10.84 7.51
N SER B 33 33.36 -11.22 8.74
CA SER B 33 33.28 -12.62 9.13
C SER B 33 33.01 -12.68 10.63
N LEU B 34 32.27 -13.70 11.04
CA LEU B 34 32.02 -13.94 12.45
C LEU B 34 32.35 -15.39 12.75
N SER B 35 33.20 -15.60 13.75
CA SER B 35 33.34 -16.91 14.33
C SER B 35 32.12 -17.25 15.14
N PHE B 36 31.99 -18.53 15.53
CA PHE B 36 30.86 -18.90 16.36
C PHE B 36 30.85 -18.15 17.69
N ALA B 37 32.04 -17.93 18.28
CA ALA B 37 32.11 -17.15 19.51
C ALA B 37 31.70 -15.69 19.29
N GLN B 38 32.18 -15.08 18.21
CA GLN B 38 31.79 -13.70 17.93
C GLN B 38 30.30 -13.60 17.64
N LEU B 39 29.77 -14.58 16.91
CA LEU B 39 28.34 -14.61 16.66
C LEU B 39 27.57 -14.67 17.98
N GLU B 40 28.00 -15.54 18.89
CA GLU B 40 27.28 -15.66 20.15
C GLU B 40 27.31 -14.34 20.92
N ALA B 41 28.47 -13.70 20.97
CA ALA B 41 28.59 -12.45 21.71
C ALA B 41 27.67 -11.40 21.13
N GLN B 42 27.75 -11.18 19.81
CA GLN B 42 26.92 -10.17 19.18
C GLN B 42 25.45 -10.51 19.30
N THR B 43 25.13 -11.80 19.21
CA THR B 43 23.74 -12.23 19.35
C THR B 43 23.19 -11.86 20.72
N ARG B 44 23.95 -12.15 21.77
CA ARG B 44 23.43 -11.89 23.10
C ARG B 44 23.47 -10.40 23.44
N GLN B 45 24.42 -9.67 22.86
CA GLN B 45 24.41 -8.22 23.02
C GLN B 45 23.22 -7.59 22.30
N LEU B 46 22.94 -8.04 21.08
CA LEU B 46 21.76 -7.50 20.41
C LEU B 46 20.50 -7.84 21.20
N ALA B 47 20.44 -9.05 21.76
CA ALA B 47 19.30 -9.41 22.58
C ALA B 47 19.14 -8.43 23.73
N ALA B 48 20.24 -8.11 24.39
CA ALA B 48 20.18 -7.13 25.47
C ALA B 48 19.77 -5.77 24.95
N ALA B 49 20.31 -5.38 23.80
CA ALA B 49 20.01 -4.08 23.21
C ALA B 49 18.53 -3.95 22.87
N LEU B 50 17.95 -5.00 22.27
CA LEU B 50 16.51 -4.94 21.97
C LEU B 50 15.68 -4.81 23.26
N ARG B 51 16.04 -5.55 24.29
CA ARG B 51 15.30 -5.44 25.53
C ARG B 51 15.46 -4.06 26.15
N ALA B 52 16.64 -3.44 25.97
CA ALA B 52 16.92 -2.13 26.55
C ALA B 52 16.09 -1.02 25.92
N ILE B 53 15.75 -1.13 24.64
CA ILE B 53 14.89 -0.12 24.01
C ILE B 53 13.43 -0.47 24.25
N GLY B 54 13.16 -1.42 25.14
CA GLY B 54 11.80 -1.68 25.57
C GLY B 54 11.04 -2.72 24.80
N VAL B 55 11.66 -3.41 23.84
CA VAL B 55 10.94 -4.48 23.17
C VAL B 55 10.82 -5.66 24.12
N LYS B 56 9.60 -6.15 24.29
CA LYS B 56 9.28 -7.16 25.29
C LYS B 56 9.12 -8.53 24.65
N ARG B 57 9.16 -9.55 25.48
CA ARG B 57 8.96 -10.92 25.00
C ARG B 57 7.67 -11.00 24.20
N GLU B 58 7.74 -11.71 23.08
CA GLU B 58 6.64 -12.03 22.17
C GLU B 58 6.28 -10.86 21.26
N GLU B 59 6.81 -9.66 21.50
CA GLU B 59 6.63 -8.58 20.54
C GLU B 59 7.47 -8.86 19.30
N ARG B 60 7.05 -8.27 18.18
CA ARG B 60 7.70 -8.47 16.89
C ARG B 60 8.69 -7.35 16.59
N VAL B 61 9.74 -7.70 15.86
CA VAL B 61 10.57 -6.69 15.20
C VAL B 61 10.65 -7.10 13.74
N LEU B 62 10.73 -6.10 12.86
CA LEU B 62 10.86 -6.36 11.44
C LEU B 62 12.33 -6.50 11.09
N LEU B 63 12.67 -7.61 10.44
CA LEU B 63 14.04 -7.87 10.03
C LEU B 63 14.06 -7.73 8.50
N LEU B 64 14.55 -6.60 8.02
CA LEU B 64 14.56 -6.25 6.60
C LEU B 64 16.00 -6.04 6.18
N MET B 65 16.69 -7.13 5.84
CA MET B 65 18.14 -7.06 5.73
C MET B 65 18.62 -7.95 4.61
N LEU B 66 19.56 -7.43 3.83
CA LEU B 66 20.29 -8.21 2.87
C LEU B 66 21.10 -9.30 3.56
N ASP B 67 21.41 -10.36 2.82
CA ASP B 67 22.26 -11.39 3.39
C ASP B 67 23.61 -10.81 3.75
N GLY B 68 24.06 -11.08 4.97
CA GLY B 68 25.36 -10.66 5.46
C GLY B 68 25.47 -11.08 6.91
N THR B 69 26.67 -10.90 7.47
CA THR B 69 26.92 -11.42 8.81
C THR B 69 26.00 -10.81 9.87
N ASP B 70 25.50 -9.59 9.64
CA ASP B 70 24.58 -8.98 10.61
C ASP B 70 23.25 -9.71 10.66
N TRP B 71 22.84 -10.35 9.55
CA TRP B 71 21.53 -10.98 9.49
C TRP B 71 21.35 -12.05 10.55
N PRO B 72 22.21 -13.04 10.69
CA PRO B 72 22.00 -14.02 11.77
C PRO B 72 22.08 -13.42 13.15
N VAL B 73 22.90 -12.38 13.33
CA VAL B 73 22.92 -11.68 14.61
C VAL B 73 21.55 -11.10 14.91
N ALA B 74 20.95 -10.42 13.94
CA ALA B 74 19.63 -9.83 14.16
C ALA B 74 18.59 -10.92 14.44
N PHE B 75 18.60 -11.97 13.62
CA PHE B 75 17.61 -13.03 13.76
C PHE B 75 17.75 -13.76 15.09
N LEU B 76 18.96 -14.26 15.38
CA LEU B 76 19.18 -15.00 16.61
C LEU B 76 19.10 -14.10 17.84
N GLY B 77 19.56 -12.86 17.72
CA GLY B 77 19.51 -11.96 18.86
C GLY B 77 18.10 -11.71 19.32
N ALA B 78 17.20 -11.44 18.37
CA ALA B 78 15.79 -11.32 18.71
C ALA B 78 15.29 -12.58 19.38
N ILE B 79 15.53 -13.74 18.77
CA ILE B 79 15.00 -14.98 19.31
C ILE B 79 15.55 -15.26 20.69
N TYR B 80 16.83 -14.98 20.91
CA TYR B 80 17.43 -15.19 22.21
C TYR B 80 16.73 -14.37 23.28
N ALA B 81 16.30 -13.16 22.94
CA ALA B 81 15.55 -12.31 23.86
C ALA B 81 14.07 -12.68 23.98
N GLY B 82 13.61 -13.71 23.26
CA GLY B 82 12.19 -13.98 23.24
C GLY B 82 11.38 -13.00 22.41
N ILE B 83 12.04 -12.21 21.60
CA ILE B 83 11.43 -11.26 20.68
C ILE B 83 11.28 -11.97 19.34
N VAL B 84 10.18 -11.71 18.65
CA VAL B 84 9.86 -12.47 17.44
C VAL B 84 10.32 -11.70 16.21
N PRO B 85 11.42 -12.07 15.56
CA PRO B 85 11.79 -11.36 14.33
C PRO B 85 10.87 -11.77 13.20
N VAL B 86 10.52 -10.80 12.37
CA VAL B 86 9.67 -11.01 11.22
C VAL B 86 10.58 -10.79 10.02
N ALA B 87 11.06 -11.89 9.43
CA ALA B 87 12.09 -11.84 8.41
C ALA B 87 11.45 -11.72 7.04
N VAL B 88 11.73 -10.64 6.32
CA VAL B 88 10.95 -10.33 5.13
C VAL B 88 11.81 -10.15 3.89
N ASN B 89 11.19 -10.44 2.76
CA ASN B 89 11.73 -10.17 1.44
C ASN B 89 12.27 -8.75 1.35
N THR B 90 13.46 -8.62 0.78
CA THR B 90 14.14 -7.33 0.66
C THR B 90 13.83 -6.61 -0.65
N LEU B 91 13.01 -7.22 -1.52
CA LEU B 91 12.75 -6.68 -2.86
C LEU B 91 11.38 -6.04 -2.98
N LEU B 92 10.68 -5.82 -1.87
CA LEU B 92 9.31 -5.37 -1.93
C LEU B 92 9.22 -3.86 -1.94
N THR B 93 8.00 -3.34 -2.07
CA THR B 93 7.77 -1.92 -2.14
C THR B 93 7.45 -1.32 -0.77
N ALA B 94 7.47 0.01 -0.72
CA ALA B 94 7.08 0.69 0.52
C ALA B 94 5.68 0.32 0.94
N ASP B 95 4.76 0.18 -0.01
CA ASP B 95 3.40 -0.27 0.31
C ASP B 95 3.43 -1.64 0.99
N ASP B 96 4.21 -2.57 0.44
CA ASP B 96 4.28 -3.90 1.03
C ASP B 96 4.79 -3.84 2.46
N TYR B 97 5.86 -3.07 2.71
CA TYR B 97 6.38 -3.03 4.06
C TYR B 97 5.48 -2.24 4.99
N ALA B 98 4.80 -1.21 4.47
CA ALA B 98 3.83 -0.50 5.29
C ALA B 98 2.83 -1.46 5.90
N TYR B 99 2.27 -2.36 5.07
CA TYR B 99 1.33 -3.33 5.59
C TYR B 99 1.98 -4.26 6.61
N MET B 100 3.21 -4.72 6.31
CA MET B 100 3.88 -5.62 7.23
C MET B 100 4.14 -4.96 8.59
N LEU B 101 4.51 -3.68 8.58
CA LEU B 101 4.72 -2.98 9.85
C LEU B 101 3.41 -2.92 10.65
N GLU B 102 2.32 -2.58 9.99
CA GLU B 102 1.05 -2.48 10.68
C GLU B 102 0.58 -3.82 11.20
N HIS B 103 0.65 -4.83 10.34
CA HIS B 103 0.08 -6.13 10.69
C HIS B 103 0.91 -6.82 11.76
N SER B 104 2.23 -6.74 11.65
CA SER B 104 3.08 -7.36 12.64
C SER B 104 3.13 -6.55 13.93
N ARG B 105 2.74 -5.27 13.88
CA ARG B 105 2.92 -4.38 15.03
C ARG B 105 4.37 -4.38 15.48
N ALA B 106 5.27 -4.46 14.51
CA ALA B 106 6.71 -4.45 14.81
C ALA B 106 7.06 -3.26 15.67
N GLN B 107 7.78 -3.52 16.76
CA GLN B 107 8.19 -2.46 17.68
C GLN B 107 9.52 -1.86 17.32
N ALA B 108 10.29 -2.52 16.45
CA ALA B 108 11.56 -2.00 15.99
C ALA B 108 11.80 -2.62 14.64
N VAL B 109 12.69 -2.00 13.87
CA VAL B 109 13.08 -2.49 12.55
C VAL B 109 14.59 -2.61 12.54
N LEU B 110 15.08 -3.74 12.08
CA LEU B 110 16.50 -3.92 11.78
C LEU B 110 16.59 -3.96 10.27
N VAL B 111 17.25 -2.96 9.69
CA VAL B 111 17.18 -2.73 8.26
C VAL B 111 18.58 -2.50 7.71
N SER B 112 18.84 -3.05 6.52
CA SER B 112 20.09 -2.76 5.82
C SER B 112 20.05 -1.34 5.26
N GLY B 113 21.22 -0.69 5.25
CA GLY B 113 21.27 0.68 4.74
C GLY B 113 20.68 0.80 3.34
N ALA B 114 20.97 -0.18 2.47
CA ALA B 114 20.47 -0.13 1.11
C ALA B 114 18.95 -0.16 1.05
N LEU B 115 18.30 -0.66 2.09
CA LEU B 115 16.84 -0.73 2.15
C LEU B 115 16.23 0.40 2.97
N HIS B 116 17.05 1.32 3.45
CA HIS B 116 16.51 2.36 4.30
C HIS B 116 15.54 3.26 3.55
N PRO B 117 15.78 3.61 2.28
CA PRO B 117 14.80 4.45 1.58
C PRO B 117 13.41 3.83 1.53
N VAL B 118 13.31 2.55 1.13
CA VAL B 118 11.96 1.97 1.04
C VAL B 118 11.35 1.84 2.43
N LEU B 119 12.15 1.55 3.46
CA LEU B 119 11.63 1.49 4.82
C LEU B 119 11.13 2.86 5.27
N LYS B 120 11.93 3.89 5.00
CA LYS B 120 11.52 5.26 5.34
C LYS B 120 10.17 5.60 4.73
N ALA B 121 9.99 5.22 3.45
CA ALA B 121 8.71 5.46 2.79
C ALA B 121 7.59 4.68 3.46
N ALA B 122 7.85 3.41 3.82
CA ALA B 122 6.84 2.63 4.51
C ALA B 122 6.49 3.22 5.88
N LEU B 123 7.50 3.71 6.61
CA LEU B 123 7.22 4.31 7.92
C LEU B 123 6.36 5.54 7.78
N THR B 124 6.68 6.37 6.78
CA THR B 124 5.93 7.60 6.62
C THR B 124 4.49 7.35 6.23
N LYS B 125 4.22 6.29 5.49
CA LYS B 125 2.84 6.15 5.04
C LYS B 125 1.97 5.29 5.97
N SER B 126 2.55 4.66 6.97
CA SER B 126 1.82 3.62 7.69
C SER B 126 1.47 4.03 9.10
N ASP B 127 0.49 3.31 9.65
CA ASP B 127 0.10 3.45 11.06
C ASP B 127 0.86 2.41 11.88
N HIS B 128 2.16 2.61 11.96
CA HIS B 128 3.03 1.60 12.54
C HIS B 128 3.26 1.90 14.00
N GLU B 129 3.92 0.95 14.67
CA GLU B 129 4.29 1.10 16.07
C GLU B 129 5.79 1.05 16.28
N VAL B 130 6.57 1.41 15.25
CA VAL B 130 8.02 1.28 15.34
C VAL B 130 8.56 2.36 16.27
N GLN B 131 9.32 1.94 17.27
CA GLN B 131 9.94 2.83 18.26
C GLN B 131 11.37 3.19 17.86
N ARG B 132 12.10 2.25 17.25
CA ARG B 132 13.50 2.48 16.92
C ARG B 132 13.80 1.79 15.60
N VAL B 133 14.66 2.40 14.80
CA VAL B 133 15.16 1.80 13.57
C VAL B 133 16.64 1.57 13.73
N ILE B 134 17.06 0.33 13.54
CA ILE B 134 18.45 -0.08 13.68
C ILE B 134 18.97 -0.35 12.28
N VAL B 135 20.00 0.39 11.87
CA VAL B 135 20.43 0.38 10.47
C VAL B 135 21.75 -0.34 10.38
N SER B 136 21.74 -1.51 9.73
CA SER B 136 22.97 -2.25 9.48
C SER B 136 23.61 -1.74 8.20
N ARG B 137 24.87 -1.25 8.29
CA ARG B 137 25.61 -0.72 7.14
C ARG B 137 24.86 0.46 6.52
N PRO B 138 24.68 1.54 7.29
CA PRO B 138 23.98 2.72 6.76
C PRO B 138 24.65 3.23 5.49
N ALA B 139 23.81 3.63 4.52
CA ALA B 139 24.24 4.19 3.25
C ALA B 139 23.81 5.64 3.10
N ALA B 140 23.42 6.27 4.19
CA ALA B 140 22.98 7.65 4.23
C ALA B 140 22.97 8.08 5.69
N PRO B 141 22.93 9.39 5.94
CA PRO B 141 22.94 9.87 7.33
C PRO B 141 21.78 9.27 8.11
N LEU B 142 22.05 8.90 9.36
CA LEU B 142 20.99 8.41 10.23
C LEU B 142 19.99 9.52 10.54
N GLU B 143 18.72 9.16 10.63
CA GLU B 143 17.68 10.10 11.03
C GLU B 143 17.44 10.00 12.52
N PRO B 144 16.71 10.95 13.11
CA PRO B 144 16.49 10.90 14.56
C PRO B 144 15.88 9.57 14.99
N GLY B 145 16.43 9.01 16.06
CA GLY B 145 15.95 7.74 16.58
C GLY B 145 16.46 6.53 15.84
N GLU B 146 17.34 6.72 14.88
CA GLU B 146 17.99 5.62 14.20
C GLU B 146 19.37 5.43 14.79
N VAL B 147 19.80 4.18 14.89
CA VAL B 147 21.12 3.86 15.41
C VAL B 147 21.80 2.89 14.46
N ASP B 148 23.11 3.04 14.34
CA ASP B 148 23.90 2.05 13.60
C ASP B 148 23.86 0.69 14.28
N PHE B 149 23.71 -0.36 13.48
CA PHE B 149 23.58 -1.70 14.04
C PHE B 149 24.79 -2.07 14.88
N ALA B 150 25.99 -1.84 14.34
CA ALA B 150 27.19 -2.19 15.10
C ALA B 150 27.28 -1.40 16.40
N GLU B 151 26.94 -0.11 16.36
CA GLU B 151 26.96 0.69 17.59
C GLU B 151 25.93 0.18 18.58
N PHE B 152 24.75 -0.16 18.09
CA PHE B 152 23.67 -0.66 18.95
C PHE B 152 24.08 -1.94 19.65
N VAL B 153 24.63 -2.89 18.90
CA VAL B 153 25.15 -4.12 19.48
C VAL B 153 26.30 -3.82 20.41
N GLY B 154 27.23 -2.98 19.98
CA GLY B 154 28.43 -2.72 20.76
C GLY B 154 28.16 -2.00 22.07
N ALA B 155 27.00 -1.37 22.20
CA ALA B 155 26.69 -0.55 23.36
C ALA B 155 26.01 -1.33 24.48
N HIS B 156 25.88 -2.64 24.35
CA HIS B 156 25.18 -3.39 25.40
C HIS B 156 25.94 -4.64 25.74
N ALA B 157 26.01 -4.94 27.03
CA ALA B 157 26.61 -6.18 27.48
C ALA B 157 25.71 -7.33 27.06
N PRO B 158 26.26 -8.53 26.91
CA PRO B 158 25.43 -9.67 26.50
C PRO B 158 24.41 -10.03 27.55
N LEU B 159 23.19 -10.26 27.11
CA LEU B 159 22.18 -10.86 27.96
C LEU B 159 22.72 -12.15 28.54
N GLU B 160 22.49 -12.36 29.84
CA GLU B 160 23.11 -13.49 30.53
C GLU B 160 22.41 -14.80 30.17
N LYS B 161 21.09 -14.78 30.06
CA LYS B 161 20.29 -15.95 29.77
C LYS B 161 19.29 -15.62 28.67
N PRO B 162 18.95 -16.60 27.85
CA PRO B 162 17.85 -16.39 26.90
C PRO B 162 16.53 -16.27 27.63
N ALA B 163 15.56 -15.65 26.96
CA ALA B 163 14.20 -15.72 27.46
C ALA B 163 13.82 -17.18 27.69
N ALA B 164 13.01 -17.41 28.74
CA ALA B 164 12.59 -18.75 29.14
C ALA B 164 11.42 -19.19 28.25
N THR B 165 11.73 -19.34 26.96
CA THR B 165 10.70 -19.70 26.00
C THR B 165 10.41 -21.19 26.06
N GLN B 166 9.21 -21.54 25.58
CA GLN B 166 8.80 -22.92 25.39
C GLN B 166 9.05 -23.33 23.94
N ALA B 167 9.34 -24.62 23.74
CA ALA B 167 9.52 -25.14 22.39
C ALA B 167 8.38 -24.75 21.47
N ASP B 168 7.15 -24.73 21.97
CA ASP B 168 6.01 -24.44 21.11
C ASP B 168 5.61 -22.97 21.15
N ASP B 169 6.42 -22.10 21.74
CA ASP B 169 6.19 -20.67 21.65
C ASP B 169 6.59 -20.14 20.28
N PRO B 170 5.92 -19.10 19.78
CA PRO B 170 6.37 -18.47 18.54
C PRO B 170 7.81 -18.03 18.68
N ALA B 171 8.60 -18.30 17.64
CA ALA B 171 9.97 -17.85 17.58
C ALA B 171 10.19 -16.78 16.52
N PHE B 172 9.54 -16.90 15.37
CA PHE B 172 9.76 -15.94 14.28
C PHE B 172 8.62 -16.06 13.29
N TRP B 173 8.48 -15.04 12.44
CA TRP B 173 7.51 -15.06 11.36
C TRP B 173 8.23 -14.95 10.02
N LEU B 174 7.60 -15.54 9.01
CA LEU B 174 7.87 -15.26 7.61
C LEU B 174 6.55 -14.85 6.99
N TYR B 175 6.59 -13.99 5.99
CA TYR B 175 5.37 -13.64 5.27
C TYR B 175 5.27 -14.46 4.00
N SER B 176 4.08 -14.93 3.69
CA SER B 176 3.81 -15.71 2.49
C SER B 176 2.64 -15.09 1.74
N SER B 177 2.84 -14.77 0.47
CA SER B 177 1.75 -14.20 -0.31
C SER B 177 0.93 -15.30 -0.99
N GLY B 178 -0.38 -15.09 -1.08
CA GLY B 178 -1.27 -15.91 -1.85
C GLY B 178 -1.73 -15.20 -3.10
N SER B 179 -2.68 -15.82 -3.80
CA SER B 179 -3.03 -15.27 -5.11
C SER B 179 -3.75 -13.93 -4.98
N THR B 180 -4.46 -13.74 -3.87
CA THR B 180 -5.09 -12.46 -3.57
C THR B 180 -4.90 -12.17 -2.09
N GLY B 181 -5.16 -10.93 -1.72
CA GLY B 181 -5.13 -10.57 -0.32
C GLY B 181 -3.74 -10.26 0.16
N ARG B 182 -3.68 -9.92 1.43
CA ARG B 182 -2.44 -9.52 2.02
C ARG B 182 -1.52 -10.72 2.22
N PRO B 183 -0.22 -10.50 2.29
CA PRO B 183 0.69 -11.58 2.68
C PRO B 183 0.33 -12.08 4.07
N LYS B 184 0.47 -13.38 4.26
CA LYS B 184 0.08 -14.01 5.52
C LYS B 184 1.29 -14.12 6.43
N GLY B 185 1.10 -13.77 7.71
CA GLY B 185 2.18 -13.85 8.67
C GLY B 185 2.29 -15.27 9.18
N VAL B 186 3.27 -16.01 8.69
CA VAL B 186 3.42 -17.42 9.02
C VAL B 186 4.19 -17.55 10.32
N VAL B 187 3.55 -18.07 11.37
CA VAL B 187 4.15 -18.09 12.70
C VAL B 187 4.86 -19.43 12.92
N HIS B 188 6.16 -19.37 13.17
CA HIS B 188 6.95 -20.56 13.46
C HIS B 188 7.41 -20.55 14.90
N THR B 189 7.45 -21.75 15.49
CA THR B 189 7.84 -21.92 16.88
C THR B 189 9.34 -22.17 17.01
N HIS B 190 9.82 -22.17 18.26
CA HIS B 190 11.22 -22.51 18.51
C HIS B 190 11.55 -23.91 18.05
N ALA B 191 10.59 -24.84 18.17
CA ALA B 191 10.84 -26.22 17.78
C ALA B 191 10.94 -26.38 16.27
N ASN B 192 10.23 -25.58 15.50
CA ASN B 192 10.11 -25.84 14.07
C ASN B 192 11.46 -25.87 13.36
N PRO B 193 12.34 -24.88 13.49
CA PRO B 193 13.65 -24.97 12.83
C PRO B 193 14.58 -26.00 13.44
N TYR B 194 14.34 -26.42 14.69
CA TYR B 194 15.03 -27.60 15.19
C TYR B 194 14.67 -28.83 14.35
N TRP B 195 13.38 -29.06 14.14
CA TRP B 195 12.96 -30.23 13.37
C TRP B 195 13.48 -30.20 11.95
N THR B 196 13.37 -29.06 11.27
CA THR B 196 13.88 -28.99 9.90
C THR B 196 15.38 -29.23 9.86
N SER B 197 16.12 -28.62 10.79
CA SER B 197 17.57 -28.74 10.73
C SER B 197 18.03 -30.15 11.06
N GLU B 198 17.28 -30.88 11.90
CA GLU B 198 17.62 -32.27 12.20
C GLU B 198 17.12 -33.21 11.10
N LEU B 199 15.84 -33.12 10.76
CA LEU B 199 15.26 -34.10 9.84
C LEU B 199 15.75 -33.91 8.42
N TYR B 200 15.98 -32.67 8.01
CA TYR B 200 16.38 -32.43 6.63
C TYR B 200 17.86 -32.05 6.55
N GLY B 201 18.27 -30.98 7.22
CA GLY B 201 19.65 -30.54 7.10
C GLY B 201 20.63 -31.63 7.50
N ARG B 202 20.41 -32.23 8.67
CA ARG B 202 21.36 -33.24 9.13
C ARG B 202 21.03 -34.61 8.55
N ASN B 203 19.79 -35.06 8.73
CA ASN B 203 19.52 -36.48 8.46
C ASN B 203 19.23 -36.77 7.00
N THR B 204 18.89 -35.78 6.19
CA THR B 204 18.67 -36.03 4.77
C THR B 204 19.81 -35.52 3.90
N LEU B 205 20.18 -34.25 4.05
CA LEU B 205 21.31 -33.69 3.30
C LEU B 205 22.65 -34.13 3.87
N HIS B 206 22.70 -34.58 5.12
CA HIS B 206 23.97 -34.97 5.74
C HIS B 206 24.96 -33.80 5.75
N LEU B 207 24.47 -32.60 6.03
CA LEU B 207 25.40 -31.51 6.25
C LEU B 207 26.31 -31.84 7.42
N ARG B 208 27.53 -31.33 7.37
CA ARG B 208 28.49 -31.67 8.41
C ARG B 208 29.35 -30.45 8.71
N GLU B 209 30.16 -30.60 9.76
CA GLU B 209 30.90 -29.46 10.27
C GLU B 209 31.86 -28.88 9.23
N ASP B 210 32.49 -29.72 8.42
CA ASP B 210 33.49 -29.16 7.50
C ASP B 210 32.88 -28.61 6.22
N ASP B 211 31.56 -28.56 6.11
CA ASP B 211 30.95 -27.98 4.93
C ASP B 211 31.08 -26.47 4.93
N VAL B 212 31.05 -25.89 3.73
CA VAL B 212 30.89 -24.47 3.51
C VAL B 212 29.59 -24.31 2.73
N CYS B 213 28.57 -23.76 3.37
CA CYS B 213 27.26 -23.65 2.77
C CYS B 213 27.08 -22.29 2.11
N PHE B 214 26.46 -22.30 0.93
CA PHE B 214 26.24 -21.07 0.17
C PHE B 214 24.92 -21.20 -0.57
N SER B 215 23.99 -20.30 -0.29
CA SER B 215 22.63 -20.41 -0.81
C SER B 215 22.31 -19.19 -1.66
N ALA B 216 21.94 -19.42 -2.92
CA ALA B 216 21.48 -18.30 -3.73
C ALA B 216 20.15 -17.78 -3.20
N ALA B 217 19.40 -18.65 -2.54
CA ALA B 217 18.19 -18.24 -1.86
C ALA B 217 18.56 -17.47 -0.61
N LYS B 218 18.04 -16.26 -0.49
CA LYS B 218 18.38 -15.39 0.61
C LYS B 218 17.81 -15.93 1.92
N LEU B 219 18.30 -15.35 3.02
CA LEU B 219 17.94 -15.80 4.35
C LEU B 219 16.48 -15.57 4.68
N PHE B 220 15.83 -14.59 4.04
CA PHE B 220 14.43 -14.39 4.37
C PHE B 220 13.52 -15.43 3.73
N PHE B 221 14.01 -16.21 2.76
CA PHE B 221 13.24 -17.32 2.24
C PHE B 221 13.26 -18.45 3.25
N ALA B 222 12.13 -19.11 3.45
CA ALA B 222 12.17 -20.28 4.33
C ALA B 222 13.28 -21.24 3.88
N TYR B 223 13.39 -21.43 2.56
CA TYR B 223 14.45 -22.28 2.02
C TYR B 223 15.82 -21.79 2.46
N GLY B 224 16.13 -20.52 2.20
CA GLY B 224 17.46 -20.00 2.53
C GLY B 224 17.72 -19.93 4.02
N LEU B 225 16.67 -19.68 4.81
CA LEU B 225 16.85 -19.62 6.26
C LEU B 225 17.37 -20.94 6.82
N GLY B 226 16.92 -22.05 6.25
CA GLY B 226 17.52 -23.31 6.60
C GLY B 226 18.90 -23.46 6.00
N ASN B 227 19.00 -23.25 4.69
CA ASN B 227 20.24 -23.52 3.96
C ASN B 227 21.44 -22.84 4.57
N ALA B 228 21.27 -21.58 4.97
CA ALA B 228 22.36 -20.69 5.27
C ALA B 228 22.24 -20.15 6.67
N LEU B 229 21.40 -20.75 7.51
CA LEU B 229 21.45 -20.38 8.92
C LEU B 229 21.14 -21.58 9.79
N THR B 230 19.90 -22.06 9.82
CA THR B 230 19.58 -23.06 10.83
C THR B 230 20.31 -24.38 10.55
N PHE B 231 20.38 -24.81 9.29
CA PHE B 231 21.11 -26.05 8.99
C PHE B 231 22.59 -25.95 9.34
N PRO B 232 23.34 -25.01 8.80
CA PRO B 232 24.79 -25.01 9.08
C PRO B 232 25.08 -24.82 10.55
N MET B 233 24.33 -23.96 11.24
CA MET B 233 24.60 -23.80 12.66
C MET B 233 24.31 -25.07 13.43
N THR B 234 23.37 -25.88 12.96
CA THR B 234 23.05 -27.11 13.67
C THR B 234 24.22 -28.09 13.63
N VAL B 235 25.03 -28.05 12.59
CA VAL B 235 26.13 -29.01 12.43
C VAL B 235 27.49 -28.36 12.55
N GLY B 236 27.56 -27.05 12.72
CA GLY B 236 28.82 -26.36 12.82
C GLY B 236 29.48 -26.02 11.50
N ALA B 237 28.75 -26.10 10.39
CA ALA B 237 29.32 -25.74 9.12
C ALA B 237 29.55 -24.22 9.05
N THR B 238 30.44 -23.83 8.15
CA THR B 238 30.67 -22.43 7.84
C THR B 238 29.74 -21.99 6.72
N THR B 239 29.17 -20.80 6.86
CA THR B 239 28.22 -20.31 5.88
C THR B 239 28.76 -19.08 5.18
N LEU B 240 28.76 -19.11 3.85
CA LEU B 240 29.06 -17.94 3.02
C LEU B 240 27.76 -17.21 2.73
N LEU B 241 27.76 -15.90 2.97
CA LEU B 241 26.61 -15.06 2.67
C LEU B 241 27.00 -14.05 1.61
N MET B 242 26.02 -13.64 0.83
CA MET B 242 26.24 -12.71 -0.27
C MET B 242 25.05 -11.76 -0.33
N GLY B 243 25.30 -10.45 -0.19
CA GLY B 243 24.19 -9.50 -0.24
C GLY B 243 23.65 -9.25 -1.63
N GLU B 244 24.51 -9.32 -2.66
CA GLU B 244 24.09 -8.91 -3.99
C GLU B 244 23.20 -9.96 -4.64
N ARG B 245 22.60 -9.55 -5.75
CA ARG B 245 21.77 -10.41 -6.58
C ARG B 245 22.55 -11.65 -7.04
N PRO B 246 21.98 -12.86 -6.94
CA PRO B 246 22.73 -14.09 -7.29
C PRO B 246 22.68 -14.46 -8.77
N THR B 247 23.42 -13.70 -9.57
CA THR B 247 23.61 -14.00 -10.98
C THR B 247 24.62 -15.14 -11.16
N PRO B 248 24.64 -15.76 -12.34
CA PRO B 248 25.66 -16.78 -12.59
C PRO B 248 27.06 -16.30 -12.26
N ASP B 249 27.44 -15.12 -12.73
CA ASP B 249 28.78 -14.63 -12.41
C ASP B 249 28.99 -14.51 -10.90
N ALA B 250 28.00 -13.97 -10.18
CA ALA B 250 28.18 -13.77 -8.75
C ALA B 250 28.32 -15.12 -8.03
N VAL B 251 27.53 -16.10 -8.44
CA VAL B 251 27.60 -17.43 -7.83
C VAL B 251 28.92 -18.09 -8.18
N PHE B 252 29.30 -18.08 -9.46
CA PHE B 252 30.57 -18.66 -9.89
C PHE B 252 31.74 -18.11 -9.10
N LYS B 253 31.76 -16.79 -8.90
CA LYS B 253 32.84 -16.19 -8.15
C LYS B 253 32.93 -16.78 -6.75
N ARG B 254 31.78 -17.06 -6.13
CA ARG B 254 31.80 -17.66 -4.79
C ARG B 254 32.21 -19.12 -4.87
N TRP B 255 31.71 -19.86 -5.87
CA TRP B 255 32.07 -21.26 -6.03
C TRP B 255 33.57 -21.43 -6.12
N LEU B 256 34.23 -20.50 -6.83
CA LEU B 256 35.66 -20.57 -7.09
C LEU B 256 36.50 -20.07 -5.93
N GLY B 257 35.87 -19.61 -4.85
CA GLY B 257 36.60 -19.17 -3.68
C GLY B 257 36.97 -17.70 -3.68
N GLY B 258 36.24 -16.89 -4.44
CA GLY B 258 36.51 -15.46 -4.50
C GLY B 258 36.22 -14.70 -3.22
N VAL B 259 35.52 -15.30 -2.27
CA VAL B 259 35.14 -14.61 -1.05
C VAL B 259 35.51 -15.44 0.17
N GLY B 260 36.08 -14.77 1.18
CA GLY B 260 36.32 -15.40 2.47
C GLY B 260 37.38 -16.46 2.49
N GLY B 261 38.06 -16.70 1.36
CA GLY B 261 39.04 -17.76 1.32
C GLY B 261 38.43 -19.15 1.38
N VAL B 262 37.13 -19.26 1.12
CA VAL B 262 36.40 -20.51 1.25
C VAL B 262 35.75 -20.85 -0.08
N LYS B 263 35.77 -22.13 -0.41
CA LYS B 263 35.03 -22.65 -1.53
C LYS B 263 33.82 -23.37 -1.01
N PRO B 264 32.61 -22.97 -1.41
CA PRO B 264 31.41 -23.70 -1.00
C PRO B 264 31.52 -25.18 -1.34
N THR B 265 31.12 -26.02 -0.39
CA THR B 265 30.92 -27.43 -0.67
C THR B 265 29.46 -27.77 -0.88
N VAL B 266 28.55 -26.92 -0.43
CA VAL B 266 27.13 -27.17 -0.55
C VAL B 266 26.50 -25.92 -1.13
N PHE B 267 25.81 -26.07 -2.24
CA PHE B 267 25.12 -24.96 -2.87
C PHE B 267 23.63 -25.23 -2.92
N TYR B 268 22.85 -24.17 -2.74
CA TYR B 268 21.41 -24.26 -2.84
C TYR B 268 20.92 -23.18 -3.80
N GLY B 269 19.92 -23.52 -4.60
CA GLY B 269 19.30 -22.49 -5.42
C GLY B 269 18.04 -23.01 -6.08
N ALA B 270 17.47 -22.16 -6.95
CA ALA B 270 16.25 -22.50 -7.65
C ALA B 270 16.56 -23.11 -9.02
N PRO B 271 15.68 -23.97 -9.53
CA PRO B 271 15.92 -24.55 -10.86
C PRO B 271 16.20 -23.51 -11.93
N THR B 272 15.50 -22.38 -11.88
CA THR B 272 15.77 -21.31 -12.84
C THR B 272 17.22 -20.86 -12.77
N GLY B 273 17.76 -20.71 -11.56
CA GLY B 273 19.16 -20.34 -11.43
C GLY B 273 20.10 -21.40 -11.97
N TYR B 274 19.80 -22.67 -11.72
CA TYR B 274 20.64 -23.73 -12.25
C TYR B 274 20.63 -23.71 -13.77
N ALA B 275 19.46 -23.49 -14.37
CA ALA B 275 19.38 -23.43 -15.83
C ALA B 275 20.20 -22.27 -16.37
N GLY B 276 20.06 -21.10 -15.74
CA GLY B 276 20.85 -19.95 -16.16
C GLY B 276 22.34 -20.21 -16.02
N MET B 277 22.73 -20.92 -14.95
CA MET B 277 24.15 -21.23 -14.77
C MET B 277 24.63 -22.23 -15.80
N LEU B 278 23.81 -23.25 -16.10
CA LEU B 278 24.23 -24.25 -17.08
C LEU B 278 24.38 -23.64 -18.47
N ALA B 279 23.58 -22.63 -18.79
CA ALA B 279 23.69 -21.93 -20.07
C ALA B 279 24.86 -20.99 -20.14
N ALA B 280 25.43 -20.61 -19.02
CA ALA B 280 26.46 -19.57 -19.03
C ALA B 280 27.73 -20.09 -19.71
N PRO B 281 28.31 -19.33 -20.64
CA PRO B 281 29.56 -19.82 -21.27
C PRO B 281 30.72 -19.95 -20.29
N ASN B 282 30.70 -19.23 -19.17
CA ASN B 282 31.78 -19.32 -18.18
C ASN B 282 31.44 -20.25 -17.02
N LEU B 283 30.53 -21.18 -17.22
CA LEU B 283 30.28 -22.24 -16.26
C LEU B 283 31.60 -22.91 -15.85
N PRO B 284 31.92 -22.94 -14.57
CA PRO B 284 33.17 -23.60 -14.15
C PRO B 284 33.12 -25.11 -14.41
N SER B 285 34.30 -25.70 -14.58
CA SER B 285 34.39 -27.15 -14.61
C SER B 285 34.47 -27.70 -13.19
N ARG B 286 34.15 -28.99 -13.04
CA ARG B 286 34.08 -29.55 -11.69
C ARG B 286 35.42 -29.52 -10.99
N ASP B 287 36.52 -29.62 -11.74
CA ASP B 287 37.84 -29.52 -11.11
C ASP B 287 38.08 -28.16 -10.46
N GLN B 288 37.29 -27.15 -10.81
CA GLN B 288 37.51 -25.81 -10.28
C GLN B 288 36.74 -25.53 -8.99
N VAL B 289 35.76 -26.35 -8.66
CA VAL B 289 34.89 -26.07 -7.53
C VAL B 289 35.06 -27.17 -6.50
N ALA B 290 34.53 -26.89 -5.31
CA ALA B 290 34.56 -27.82 -4.19
C ALA B 290 33.17 -28.37 -3.89
N LEU B 291 32.22 -28.20 -4.80
CA LEU B 291 30.85 -28.61 -4.53
C LEU B 291 30.77 -30.11 -4.33
N ARG B 292 30.16 -30.53 -3.22
CA ARG B 292 29.86 -31.93 -3.04
C ARG B 292 28.36 -32.21 -3.06
N LEU B 293 27.55 -31.17 -2.95
CA LEU B 293 26.11 -31.33 -2.83
C LEU B 293 25.46 -30.11 -3.46
N ALA B 294 24.50 -30.33 -4.33
CA ALA B 294 23.77 -29.26 -5.01
C ALA B 294 22.30 -29.45 -4.73
N SER B 295 21.73 -28.54 -3.95
CA SER B 295 20.35 -28.59 -3.52
C SER B 295 19.49 -27.65 -4.36
N SER B 296 18.26 -28.06 -4.64
CA SER B 296 17.32 -27.21 -5.36
C SER B 296 15.99 -27.19 -4.63
N ALA B 297 15.31 -26.04 -4.68
CA ALA B 297 13.93 -25.91 -4.22
C ALA B 297 13.29 -24.73 -4.94
N GLY B 298 12.00 -24.51 -4.66
CA GLY B 298 11.30 -23.30 -5.06
C GLY B 298 10.38 -23.48 -6.26
N GLU B 299 10.66 -24.46 -7.10
CA GLU B 299 9.90 -24.78 -8.30
C GLU B 299 10.40 -26.15 -8.75
N ALA B 300 9.59 -26.86 -9.53
CA ALA B 300 9.98 -28.20 -9.93
C ALA B 300 11.27 -28.16 -10.74
N LEU B 301 12.11 -29.17 -10.57
CA LEU B 301 13.37 -29.25 -11.31
C LEU B 301 13.15 -30.04 -12.58
N PRO B 302 13.12 -29.42 -13.75
CA PRO B 302 13.02 -30.20 -15.00
C PRO B 302 14.14 -31.22 -15.10
N ALA B 303 13.76 -32.43 -15.52
CA ALA B 303 14.74 -33.50 -15.64
C ALA B 303 15.93 -33.09 -16.51
N GLU B 304 15.67 -32.34 -17.58
CA GLU B 304 16.75 -31.97 -18.48
C GLU B 304 17.79 -31.09 -17.80
N ILE B 305 17.35 -30.23 -16.88
CA ILE B 305 18.31 -29.38 -16.16
C ILE B 305 19.19 -30.21 -15.24
N GLY B 306 18.57 -31.10 -14.46
CA GLY B 306 19.37 -31.94 -13.56
C GLY B 306 20.32 -32.84 -14.32
N GLN B 307 19.83 -33.47 -15.39
CA GLN B 307 20.69 -34.33 -16.19
C GLN B 307 21.86 -33.55 -16.76
N ARG B 308 21.63 -32.31 -17.22
CA ARG B 308 22.74 -31.53 -17.79
C ARG B 308 23.74 -31.15 -16.71
N PHE B 309 23.25 -30.81 -15.53
CA PHE B 309 24.14 -30.51 -14.41
C PHE B 309 24.96 -31.73 -14.02
N GLN B 310 24.30 -32.90 -13.97
CA GLN B 310 25.00 -34.12 -13.60
C GLN B 310 26.04 -34.49 -14.66
N ARG B 311 25.70 -34.32 -15.94
CA ARG B 311 26.69 -34.59 -17.00
C ARG B 311 27.89 -33.68 -16.88
N HIS B 312 27.67 -32.40 -16.55
CA HIS B 312 28.79 -31.47 -16.51
C HIS B 312 29.62 -31.64 -15.25
N PHE B 313 28.97 -31.73 -14.08
CA PHE B 313 29.68 -31.72 -12.82
C PHE B 313 29.88 -33.08 -12.21
N GLY B 314 29.17 -34.10 -12.68
CA GLY B 314 29.23 -35.36 -11.96
C GLY B 314 28.56 -35.29 -10.62
N LEU B 315 27.79 -34.22 -10.37
CA LEU B 315 26.93 -34.08 -9.20
C LEU B 315 25.49 -33.99 -9.68
N ASP B 316 24.59 -34.65 -8.97
CA ASP B 316 23.19 -34.42 -9.21
C ASP B 316 22.76 -33.10 -8.55
N ILE B 317 21.62 -32.59 -8.99
CA ILE B 317 20.89 -31.58 -8.24
C ILE B 317 19.84 -32.32 -7.41
N VAL B 318 19.83 -32.07 -6.11
CA VAL B 318 18.95 -32.77 -5.19
C VAL B 318 17.75 -31.84 -4.96
N ASP B 319 16.65 -32.15 -5.65
CA ASP B 319 15.46 -31.33 -5.66
C ASP B 319 14.55 -31.75 -4.51
N GLY B 320 14.16 -30.79 -3.67
CA GLY B 320 13.16 -31.04 -2.65
C GLY B 320 12.17 -29.90 -2.64
N ILE B 321 11.00 -30.16 -2.06
CA ILE B 321 9.92 -29.19 -2.00
C ILE B 321 9.64 -28.91 -0.54
N GLY B 322 9.70 -27.64 -0.15
CA GLY B 322 9.19 -27.25 1.14
C GLY B 322 8.17 -26.16 0.96
N SER B 323 7.78 -25.49 2.05
CA SER B 323 6.92 -24.32 1.93
C SER B 323 7.23 -23.41 3.10
N THR B 324 6.79 -22.16 2.97
CA THR B 324 6.92 -21.27 4.12
C THR B 324 6.23 -21.88 5.33
N GLU B 325 5.08 -22.49 5.12
CA GLU B 325 4.30 -23.05 6.22
C GLU B 325 5.00 -24.26 6.85
N MET B 326 5.66 -25.10 6.06
CA MET B 326 6.33 -26.25 6.63
C MET B 326 7.79 -25.98 6.96
N LEU B 327 8.27 -24.78 6.63
CA LEU B 327 9.60 -24.24 6.91
C LEU B 327 10.72 -24.87 6.07
N ALA B 328 10.74 -26.19 5.89
CA ALA B 328 11.75 -26.80 5.02
C ALA B 328 11.13 -27.97 4.25
N ALA B 329 11.97 -28.71 3.56
CA ALA B 329 11.49 -29.73 2.63
C ALA B 329 10.77 -30.85 3.37
N PHE B 330 9.63 -31.26 2.83
CA PHE B 330 8.92 -32.43 3.33
C PHE B 330 8.90 -33.56 2.33
N LEU B 331 9.18 -33.27 1.06
CA LEU B 331 9.43 -34.24 0.01
C LEU B 331 10.78 -33.92 -0.60
N SER B 332 11.64 -34.93 -0.73
CA SER B 332 12.93 -34.60 -1.31
C SER B 332 13.57 -35.81 -1.96
N ASN B 333 14.29 -35.55 -3.04
CA ASN B 333 15.28 -36.51 -3.47
C ASN B 333 16.38 -36.58 -2.43
N LEU B 334 17.17 -37.65 -2.49
CA LEU B 334 18.28 -37.80 -1.57
C LEU B 334 19.60 -37.52 -2.27
N PRO B 335 20.63 -37.17 -1.52
CA PRO B 335 21.94 -36.92 -2.12
C PRO B 335 22.40 -38.04 -3.05
N ASP B 336 22.10 -39.28 -2.70
CA ASP B 336 22.49 -40.40 -3.55
C ASP B 336 21.30 -41.16 -4.11
N ARG B 337 20.12 -40.56 -4.09
CA ARG B 337 18.95 -41.14 -4.77
C ARG B 337 18.14 -40.00 -5.38
N VAL B 338 18.35 -39.78 -6.66
CA VAL B 338 17.77 -38.67 -7.40
C VAL B 338 16.93 -39.27 -8.53
N ARG B 339 15.68 -38.85 -8.62
CA ARG B 339 14.87 -39.18 -9.79
C ARG B 339 14.38 -37.87 -10.38
N TYR B 340 15.03 -37.43 -11.44
CA TYR B 340 14.64 -36.18 -12.07
C TYR B 340 13.22 -36.28 -12.61
N GLY B 341 12.56 -35.13 -12.64
CA GLY B 341 11.14 -35.07 -12.91
C GLY B 341 10.27 -35.42 -11.72
N THR B 342 10.87 -35.74 -10.57
CA THR B 342 10.11 -35.91 -9.35
C THR B 342 10.77 -35.11 -8.24
N THR B 343 9.99 -34.89 -7.18
CA THR B 343 10.49 -34.29 -5.95
C THR B 343 10.89 -35.36 -4.94
N GLY B 344 11.08 -36.59 -5.40
CA GLY B 344 11.58 -37.62 -4.52
C GLY B 344 10.53 -38.10 -3.54
N TRP B 345 10.98 -38.43 -2.34
CA TRP B 345 10.24 -39.23 -1.38
C TRP B 345 9.96 -38.42 -0.12
N PRO B 346 8.96 -38.81 0.66
CA PRO B 346 8.71 -38.12 1.92
C PRO B 346 9.99 -38.03 2.73
N VAL B 347 10.24 -36.86 3.29
CA VAL B 347 11.35 -36.73 4.24
C VAL B 347 10.99 -37.47 5.51
N PRO B 348 11.81 -38.41 5.98
CA PRO B 348 11.45 -39.13 7.20
C PRO B 348 11.13 -38.15 8.33
N GLY B 349 10.00 -38.39 9.00
CA GLY B 349 9.47 -37.46 9.98
C GLY B 349 8.25 -36.70 9.49
N TYR B 350 8.03 -36.67 8.18
CA TYR B 350 6.87 -36.05 7.58
C TYR B 350 6.00 -37.11 6.95
N GLN B 351 4.70 -36.99 7.15
CA GLN B 351 3.74 -37.83 6.46
C GLN B 351 3.05 -37.01 5.38
N ILE B 352 2.86 -37.64 4.23
CA ILE B 352 2.31 -36.98 3.05
C ILE B 352 0.99 -37.65 2.71
N GLU B 353 -0.03 -36.84 2.43
CA GLU B 353 -1.32 -37.35 1.94
C GLU B 353 -1.73 -36.60 0.68
N LEU B 354 -2.16 -37.34 -0.33
CA LEU B 354 -2.80 -36.76 -1.50
C LEU B 354 -4.31 -37.00 -1.39
N ARG B 355 -5.09 -35.95 -1.60
CA ARG B 355 -6.53 -36.04 -1.44
C ARG B 355 -7.23 -35.57 -2.70
N GLY B 356 -8.24 -36.32 -3.13
CA GLY B 356 -9.05 -35.91 -4.24
C GLY B 356 -10.13 -34.93 -3.82
N ASP B 357 -10.91 -34.49 -4.81
CA ASP B 357 -11.96 -33.50 -4.54
C ASP B 357 -12.88 -33.93 -3.40
N GLY B 358 -13.10 -35.23 -3.24
CA GLY B 358 -13.91 -35.69 -2.13
C GLY B 358 -13.18 -35.81 -0.81
N GLY B 359 -11.94 -35.31 -0.73
CA GLY B 359 -11.13 -35.50 0.46
C GLY B 359 -10.64 -36.92 0.67
N GLY B 360 -10.96 -37.85 -0.22
CA GLY B 360 -10.54 -39.22 -0.06
C GLY B 360 -9.22 -39.49 -0.78
N PRO B 361 -8.74 -40.72 -0.67
CA PRO B 361 -7.47 -41.05 -1.31
C PRO B 361 -7.57 -40.94 -2.83
N VAL B 362 -6.40 -40.93 -3.48
CA VAL B 362 -6.33 -40.93 -4.93
C VAL B 362 -5.43 -42.10 -5.34
N ALA B 363 -5.67 -42.63 -6.53
CA ALA B 363 -4.85 -43.73 -7.02
C ALA B 363 -3.46 -43.24 -7.38
N ASP B 364 -2.48 -44.14 -7.28
CA ASP B 364 -1.13 -43.81 -7.74
C ASP B 364 -1.18 -43.42 -9.20
N GLY B 365 -0.44 -42.37 -9.55
CA GLY B 365 -0.46 -41.83 -10.88
C GLY B 365 -1.56 -40.81 -11.13
N GLU B 366 -2.47 -40.65 -10.19
CA GLU B 366 -3.51 -39.63 -10.28
C GLU B 366 -3.18 -38.46 -9.36
N PRO B 367 -3.48 -37.24 -9.80
CA PRO B 367 -3.16 -36.07 -8.99
C PRO B 367 -4.11 -35.93 -7.80
N GLY B 368 -3.55 -35.42 -6.71
CA GLY B 368 -4.36 -35.10 -5.54
C GLY B 368 -3.79 -33.88 -4.87
N ASP B 369 -4.64 -33.22 -4.08
CA ASP B 369 -4.19 -32.09 -3.26
C ASP B 369 -3.22 -32.59 -2.20
N LEU B 370 -2.06 -31.93 -2.09
CA LEU B 370 -1.01 -32.38 -1.19
C LEU B 370 -1.21 -31.81 0.21
N TYR B 371 -1.24 -32.69 1.21
CA TYR B 371 -1.28 -32.33 2.62
C TYR B 371 -0.08 -32.90 3.33
N ILE B 372 0.44 -32.16 4.31
CA ILE B 372 1.66 -32.56 5.03
C ILE B 372 1.36 -32.62 6.53
N HIS B 373 1.81 -33.70 7.16
CA HIS B 373 1.84 -33.81 8.61
C HIS B 373 3.30 -33.94 9.04
N GLY B 374 3.82 -32.91 9.69
CA GLY B 374 5.20 -32.92 10.10
C GLY B 374 5.41 -31.97 11.26
N PRO B 375 6.53 -32.13 11.98
CA PRO B 375 6.71 -31.40 13.23
C PRO B 375 7.15 -29.95 13.06
N SER B 376 7.38 -29.49 11.83
CA SER B 376 7.84 -28.12 11.57
C SER B 376 6.73 -27.21 11.06
N SER B 377 5.47 -27.65 11.12
CA SER B 377 4.40 -26.83 10.61
C SER B 377 4.22 -25.56 11.43
N ALA B 378 3.99 -24.45 10.72
CA ALA B 378 3.63 -23.21 11.38
C ALA B 378 2.34 -23.42 12.16
N THR B 379 2.16 -22.60 13.19
CA THR B 379 0.97 -22.77 14.03
C THR B 379 -0.26 -22.12 13.44
N MET B 380 -0.09 -21.08 12.64
CA MET B 380 -1.20 -20.24 12.23
C MET B 380 -0.66 -19.17 11.30
N TYR B 381 -1.59 -18.49 10.63
CA TYR B 381 -1.34 -17.19 10.03
C TYR B 381 -1.80 -16.16 11.05
N TRP B 382 -0.87 -15.31 11.48
CA TRP B 382 -1.21 -14.36 12.52
C TRP B 382 -2.36 -13.48 12.07
N GLY B 383 -3.38 -13.37 12.92
CA GLY B 383 -4.48 -12.48 12.62
C GLY B 383 -5.37 -12.86 11.46
N ASN B 384 -5.23 -14.07 10.90
CA ASN B 384 -6.13 -14.52 9.84
C ASN B 384 -6.66 -15.89 10.25
N ARG B 385 -7.73 -15.90 11.05
CA ARG B 385 -8.29 -17.16 11.54
C ARG B 385 -8.90 -17.96 10.39
N ALA B 386 -9.56 -17.28 9.44
CA ALA B 386 -10.20 -18.00 8.35
C ALA B 386 -9.18 -18.76 7.51
N LYS B 387 -8.13 -18.08 7.05
CA LYS B 387 -7.13 -18.78 6.25
C LYS B 387 -6.37 -19.79 7.08
N SER B 388 -6.19 -19.53 8.38
CA SER B 388 -5.52 -20.50 9.24
C SER B 388 -6.31 -21.80 9.34
N ARG B 389 -7.63 -21.68 9.51
CA ARG B 389 -8.45 -22.89 9.61
C ARG B 389 -8.50 -23.64 8.28
N ASP B 390 -8.44 -22.93 7.17
CA ASP B 390 -8.45 -23.58 5.87
C ASP B 390 -7.14 -24.30 5.59
N THR B 391 -6.03 -23.83 6.16
CA THR B 391 -4.71 -24.38 5.86
C THR B 391 -4.25 -25.40 6.87
N PHE B 392 -4.42 -25.14 8.17
CA PHE B 392 -3.91 -25.99 9.24
C PHE B 392 -5.09 -26.65 9.93
N GLN B 393 -5.20 -27.98 9.81
CA GLN B 393 -6.31 -28.66 10.48
C GLN B 393 -5.88 -30.03 10.93
N GLY B 394 -6.01 -30.29 12.23
CA GLY B 394 -5.80 -31.63 12.76
C GLY B 394 -4.42 -32.17 12.53
N GLY B 395 -3.40 -31.33 12.64
CA GLY B 395 -2.04 -31.76 12.40
C GLY B 395 -1.66 -31.85 10.94
N TRP B 396 -2.58 -31.58 10.02
CA TRP B 396 -2.32 -31.61 8.59
C TRP B 396 -2.29 -30.19 8.05
N THR B 397 -1.33 -29.94 7.16
CA THR B 397 -1.13 -28.63 6.56
C THR B 397 -1.38 -28.76 5.06
N LYS B 398 -2.33 -27.97 4.55
CA LYS B 398 -2.67 -28.01 3.13
C LYS B 398 -1.68 -27.18 2.34
N SER B 399 -1.04 -27.79 1.34
CA SER B 399 0.00 -27.09 0.60
C SER B 399 -0.53 -26.20 -0.50
N GLY B 400 -1.71 -26.46 -1.04
CA GLY B 400 -2.12 -25.78 -2.26
C GLY B 400 -1.42 -26.25 -3.52
N ASP B 401 -0.62 -27.31 -3.44
CA ASP B 401 -0.06 -28.00 -4.58
C ASP B 401 -0.89 -29.23 -4.90
N LYS B 402 -0.82 -29.64 -6.16
CA LYS B 402 -1.27 -30.96 -6.57
C LYS B 402 -0.06 -31.80 -6.89
N TYR B 403 -0.12 -33.07 -6.52
CA TYR B 403 0.97 -34.00 -6.71
C TYR B 403 0.44 -35.35 -7.15
N VAL B 404 1.30 -36.10 -7.83
CA VAL B 404 1.05 -37.48 -8.23
C VAL B 404 2.05 -38.37 -7.51
N ARG B 405 1.57 -39.44 -6.90
CA ARG B 405 2.48 -40.44 -6.35
C ARG B 405 2.76 -41.51 -7.39
N ASN B 406 4.04 -41.75 -7.63
CA ASN B 406 4.48 -42.70 -8.63
C ASN B 406 4.64 -44.09 -8.03
N ASP B 407 4.89 -45.07 -8.91
CA ASP B 407 4.97 -46.46 -8.48
C ASP B 407 6.03 -46.68 -7.42
N ASP B 408 7.16 -45.98 -7.56
CA ASP B 408 8.30 -46.13 -6.65
C ASP B 408 8.19 -45.28 -5.39
N GLY B 409 7.02 -44.71 -5.11
CA GLY B 409 6.89 -43.88 -3.93
C GLY B 409 7.33 -42.44 -4.10
N SER B 410 7.92 -42.09 -5.26
CA SER B 410 8.26 -40.70 -5.52
C SER B 410 7.01 -39.89 -5.85
N TYR B 411 7.18 -38.57 -5.80
CA TYR B 411 6.08 -37.64 -5.99
C TYR B 411 6.41 -36.68 -7.10
N THR B 412 5.47 -36.48 -8.02
CA THR B 412 5.66 -35.59 -9.15
C THR B 412 4.68 -34.43 -9.04
N TYR B 413 5.21 -33.23 -9.11
CA TYR B 413 4.40 -32.03 -9.03
C TYR B 413 3.38 -32.00 -10.18
N ALA B 414 2.15 -31.67 -9.84
CA ALA B 414 1.05 -31.66 -10.81
C ALA B 414 0.34 -30.31 -10.86
N GLY B 415 0.96 -29.26 -10.33
CA GLY B 415 0.45 -27.91 -10.48
C GLY B 415 -0.13 -27.38 -9.18
N ARG B 416 -0.53 -26.12 -9.24
CA ARG B 416 -1.08 -25.42 -8.09
C ARG B 416 -2.59 -25.54 -8.07
N THR B 417 -3.17 -25.22 -6.93
CA THR B 417 -4.62 -25.12 -6.79
C THR B 417 -5.09 -23.68 -6.59
N ASP B 418 -4.29 -22.69 -7.04
CA ASP B 418 -4.67 -21.29 -6.83
C ASP B 418 -3.96 -20.32 -7.77
N ASP B 419 -3.43 -20.77 -8.90
CA ASP B 419 -2.88 -19.88 -9.92
C ASP B 419 -1.62 -19.17 -9.47
N MET B 420 -1.14 -19.42 -8.24
CA MET B 420 0.15 -18.84 -7.86
C MET B 420 1.24 -19.32 -8.80
N LEU B 421 2.14 -18.41 -9.16
CA LEU B 421 3.30 -18.73 -9.97
C LEU B 421 4.55 -18.66 -9.10
N LYS B 422 5.55 -19.44 -9.46
CA LYS B 422 6.80 -19.53 -8.72
C LYS B 422 7.93 -19.23 -9.70
N VAL B 423 8.30 -17.95 -9.79
CA VAL B 423 9.36 -17.52 -10.68
C VAL B 423 10.61 -17.23 -9.85
N SER B 424 11.65 -18.05 -10.03
CA SER B 424 12.91 -17.90 -9.29
C SER B 424 12.71 -18.15 -7.79
N GLY B 425 11.90 -19.15 -7.46
CA GLY B 425 11.66 -19.53 -6.08
C GLY B 425 10.79 -18.60 -5.27
N ILE B 426 10.31 -17.49 -5.86
CA ILE B 426 9.48 -16.52 -5.17
C ILE B 426 8.05 -16.62 -5.70
N TYR B 427 7.09 -16.72 -4.78
CA TYR B 427 5.67 -16.60 -5.12
C TYR B 427 5.40 -15.30 -5.86
N VAL B 428 4.64 -15.40 -6.95
CA VAL B 428 4.18 -14.26 -7.74
C VAL B 428 2.70 -14.49 -8.04
N SER B 429 1.86 -13.54 -7.66
CA SER B 429 0.44 -13.67 -8.01
C SER B 429 0.21 -13.16 -9.42
N PRO B 430 -0.33 -13.98 -10.33
CA PRO B 430 -0.66 -13.46 -11.66
C PRO B 430 -1.72 -12.37 -11.59
N PHE B 431 -2.61 -12.45 -10.62
CA PHE B 431 -3.68 -11.45 -10.50
C PHE B 431 -3.11 -10.09 -10.13
N GLU B 432 -2.06 -10.07 -9.29
CA GLU B 432 -1.42 -8.79 -8.97
C GLU B 432 -0.78 -8.17 -10.20
N ILE B 433 -0.08 -8.98 -11.00
CA ILE B 433 0.50 -8.49 -12.23
C ILE B 433 -0.59 -7.95 -13.16
N GLU B 434 -1.66 -8.74 -13.38
CA GLU B 434 -2.73 -8.31 -14.26
C GLU B 434 -3.30 -6.97 -13.83
N ALA B 435 -3.64 -6.84 -12.54
CA ALA B 435 -4.31 -5.63 -12.07
C ALA B 435 -3.41 -4.41 -12.21
N THR B 436 -2.09 -4.62 -12.17
CA THR B 436 -1.17 -3.53 -12.45
C THR B 436 -1.13 -3.18 -13.92
N LEU B 437 -1.10 -4.19 -14.80
CA LEU B 437 -1.11 -3.91 -16.24
C LEU B 437 -2.33 -3.11 -16.65
N VAL B 438 -3.52 -3.49 -16.15
CA VAL B 438 -4.74 -2.82 -16.61
C VAL B 438 -4.76 -1.37 -16.18
N GLN B 439 -3.94 -0.98 -15.21
CA GLN B 439 -3.87 0.42 -14.85
C GLN B 439 -3.14 1.25 -15.90
N HIS B 440 -2.38 0.62 -16.77
CA HIS B 440 -1.76 1.36 -17.85
C HIS B 440 -2.85 1.92 -18.76
N PRO B 441 -2.79 3.21 -19.12
CA PRO B 441 -3.93 3.80 -19.83
C PRO B 441 -4.16 3.22 -21.21
N GLY B 442 -3.16 2.57 -21.81
CA GLY B 442 -3.32 1.94 -23.10
C GLY B 442 -3.82 0.51 -23.07
N VAL B 443 -4.06 -0.04 -21.88
CA VAL B 443 -4.45 -1.43 -21.70
C VAL B 443 -5.94 -1.51 -21.44
N LEU B 444 -6.66 -2.32 -22.21
CA LEU B 444 -8.08 -2.52 -21.99
C LEU B 444 -8.35 -3.69 -21.05
N GLU B 445 -7.72 -4.83 -21.32
CA GLU B 445 -7.80 -6.01 -20.48
C GLU B 445 -6.44 -6.68 -20.46
N ALA B 446 -6.22 -7.52 -19.45
CA ALA B 446 -4.97 -8.25 -19.40
C ALA B 446 -5.15 -9.49 -18.55
N ALA B 447 -4.44 -10.55 -18.94
CA ALA B 447 -4.48 -11.82 -18.27
C ALA B 447 -3.04 -12.29 -18.21
N VAL B 448 -2.60 -12.72 -17.03
CA VAL B 448 -1.25 -13.20 -16.81
C VAL B 448 -1.38 -14.66 -16.36
N VAL B 449 -0.76 -15.56 -17.11
CA VAL B 449 -0.79 -16.98 -16.82
C VAL B 449 0.65 -17.48 -16.78
N GLY B 450 0.82 -18.64 -16.16
CA GLY B 450 2.12 -19.30 -16.09
C GLY B 450 2.34 -20.18 -17.31
N VAL B 451 3.42 -19.92 -18.04
CA VAL B 451 3.74 -20.66 -19.25
C VAL B 451 5.18 -21.14 -19.16
N ALA B 452 5.38 -22.43 -19.44
CA ALA B 452 6.71 -23.03 -19.40
C ALA B 452 7.57 -22.53 -20.55
N ASP B 453 8.83 -22.25 -20.24
CA ASP B 453 9.81 -22.05 -21.29
C ASP B 453 10.20 -23.40 -21.89
N GLU B 454 11.14 -23.41 -22.83
CA GLU B 454 11.59 -24.68 -23.41
C GLU B 454 12.08 -25.64 -22.32
N HIS B 455 12.51 -25.07 -21.20
CA HIS B 455 13.04 -25.85 -20.09
C HIS B 455 11.95 -26.50 -19.26
N GLY B 456 10.71 -26.09 -19.44
CA GLY B 456 9.67 -26.52 -18.52
C GLY B 456 9.61 -25.69 -17.25
N LEU B 457 10.30 -24.55 -17.20
CA LEU B 457 10.21 -23.63 -16.08
C LEU B 457 9.10 -22.63 -16.33
N THR B 458 8.11 -22.62 -15.45
CA THR B 458 6.96 -21.73 -15.61
C THR B 458 7.37 -20.29 -15.37
N LYS B 459 6.99 -19.41 -16.29
CA LYS B 459 7.21 -17.99 -16.15
C LYS B 459 5.90 -17.26 -16.40
N PRO B 460 5.70 -16.09 -15.78
CA PRO B 460 4.49 -15.33 -16.07
C PRO B 460 4.52 -14.83 -17.50
N LYS B 461 3.38 -14.96 -18.16
CA LYS B 461 3.20 -14.50 -19.53
C LYS B 461 1.92 -13.68 -19.58
N ALA B 462 2.01 -12.50 -20.16
CA ALA B 462 0.87 -11.57 -20.18
C ALA B 462 0.20 -11.62 -21.54
N TYR B 463 -1.12 -11.72 -21.53
CA TYR B 463 -1.94 -11.53 -22.72
C TYR B 463 -2.72 -10.24 -22.54
N VAL B 464 -2.46 -9.26 -23.40
CA VAL B 464 -2.93 -7.89 -23.21
C VAL B 464 -3.77 -7.50 -24.42
N VAL B 465 -4.96 -6.97 -24.14
CA VAL B 465 -5.81 -6.36 -25.15
C VAL B 465 -5.56 -4.86 -25.12
N PRO B 466 -5.00 -4.26 -26.15
CA PRO B 466 -4.79 -2.81 -26.15
C PRO B 466 -6.10 -2.06 -26.26
N ARG B 467 -6.08 -0.80 -25.82
CA ARG B 467 -7.24 0.04 -26.07
C ARG B 467 -7.23 0.52 -27.51
N PRO B 468 -8.38 0.54 -28.18
CA PRO B 468 -8.45 1.12 -29.52
C PRO B 468 -7.89 2.54 -29.52
N GLY B 469 -7.14 2.87 -30.56
CA GLY B 469 -6.51 4.17 -30.66
C GLY B 469 -5.23 4.35 -29.87
N GLN B 470 -4.60 3.25 -29.45
CA GLN B 470 -3.32 3.30 -28.76
C GLN B 470 -2.48 2.11 -29.19
N THR B 471 -1.17 2.29 -29.20
CA THR B 471 -0.22 1.22 -29.46
C THR B 471 0.70 1.05 -28.26
N LEU B 472 1.10 -0.19 -28.01
CA LEU B 472 1.81 -0.54 -26.79
C LEU B 472 3.08 -1.30 -27.13
N SER B 473 4.14 -1.00 -26.39
CA SER B 473 5.37 -1.80 -26.42
C SER B 473 5.42 -2.68 -25.18
N GLU B 474 6.16 -3.79 -25.30
CA GLU B 474 6.30 -4.68 -24.16
C GLU B 474 7.15 -4.05 -23.07
N THR B 475 8.20 -3.31 -23.44
CA THR B 475 9.04 -2.67 -22.44
C THR B 475 8.29 -1.55 -21.73
N GLU B 476 7.44 -0.84 -22.46
CA GLU B 476 6.59 0.18 -21.85
C GLU B 476 5.82 -0.39 -20.67
N LEU B 477 5.30 -1.62 -20.81
CA LEU B 477 4.53 -2.23 -19.74
C LEU B 477 5.43 -2.70 -18.60
N LYS B 478 6.58 -3.30 -18.91
CA LYS B 478 7.51 -3.74 -17.86
C LYS B 478 7.91 -2.57 -16.97
N THR B 479 8.32 -1.46 -17.58
CA THR B 479 8.61 -0.25 -16.82
C THR B 479 7.40 0.16 -15.98
N PHE B 480 6.24 0.25 -16.61
CA PHE B 480 5.04 0.64 -15.88
C PHE B 480 4.84 -0.22 -14.63
N ILE B 481 5.18 -1.51 -14.73
CA ILE B 481 5.00 -2.42 -13.60
C ILE B 481 6.07 -2.18 -12.54
N LYS B 482 7.33 -2.13 -12.95
CA LYS B 482 8.42 -1.89 -12.00
C LYS B 482 8.22 -0.60 -11.23
N ASP B 483 7.49 0.37 -11.80
CA ASP B 483 7.22 1.60 -11.08
C ASP B 483 6.20 1.41 -9.96
N ARG B 484 5.58 0.24 -9.87
CA ARG B 484 4.48 0.03 -8.93
C ARG B 484 4.64 -1.21 -8.07
N LEU B 485 5.19 -2.30 -8.61
CA LEU B 485 5.32 -3.56 -7.88
C LEU B 485 6.78 -3.86 -7.59
N ALA B 486 7.00 -4.92 -6.83
CA ALA B 486 8.36 -5.39 -6.60
C ALA B 486 9.00 -5.71 -7.95
N PRO B 487 10.34 -5.62 -8.05
CA PRO B 487 10.98 -5.60 -9.38
C PRO B 487 10.91 -6.91 -10.17
N TYR B 488 10.57 -8.02 -9.54
CA TYR B 488 10.54 -9.31 -10.24
C TYR B 488 9.12 -9.72 -10.64
N LYS B 489 8.12 -8.89 -10.37
CA LYS B 489 6.72 -9.24 -10.62
C LYS B 489 6.27 -8.75 -11.99
N TYR B 490 7.03 -9.09 -13.03
CA TYR B 490 6.69 -8.63 -14.37
C TYR B 490 6.64 -9.82 -15.32
N PRO B 491 5.75 -9.76 -16.32
CA PRO B 491 5.71 -10.87 -17.29
C PRO B 491 7.02 -11.01 -18.02
N ARG B 492 7.44 -12.26 -18.23
CA ARG B 492 8.64 -12.55 -18.99
C ARG B 492 8.43 -12.38 -20.49
N SER B 493 7.19 -12.50 -20.96
CA SER B 493 6.83 -12.16 -22.33
C SER B 493 5.41 -11.63 -22.34
N THR B 494 5.10 -10.82 -23.35
CA THR B 494 3.77 -10.24 -23.49
C THR B 494 3.28 -10.43 -24.92
N VAL B 495 2.08 -10.98 -25.06
CA VAL B 495 1.41 -11.14 -26.34
C VAL B 495 0.22 -10.18 -26.36
N PHE B 496 0.15 -9.35 -27.39
CA PHE B 496 -0.99 -8.45 -27.56
C PHE B 496 -2.04 -9.13 -28.42
N VAL B 497 -3.25 -9.23 -27.89
CA VAL B 497 -4.34 -9.94 -28.54
C VAL B 497 -5.53 -9.00 -28.68
N ALA B 498 -6.38 -9.29 -29.67
CA ALA B 498 -7.57 -8.48 -29.87
C ALA B 498 -8.62 -8.73 -28.80
N GLU B 499 -8.61 -9.91 -28.19
CA GLU B 499 -9.70 -10.29 -27.30
C GLU B 499 -9.26 -11.46 -26.43
N LEU B 500 -9.72 -11.46 -25.15
CA LEU B 500 -9.33 -12.62 -24.36
C LEU B 500 -10.42 -13.68 -24.42
N PRO B 501 -10.06 -14.95 -24.33
CA PRO B 501 -11.06 -16.01 -24.33
C PRO B 501 -11.80 -16.06 -22.99
N LYS B 502 -13.13 -16.09 -23.07
CA LYS B 502 -13.96 -16.02 -21.87
C LYS B 502 -15.12 -16.99 -21.99
N THR B 503 -15.60 -17.45 -20.83
CA THR B 503 -16.80 -18.24 -20.78
C THR B 503 -18.01 -17.33 -21.04
N ALA B 504 -19.20 -17.93 -21.00
CA ALA B 504 -20.41 -17.13 -21.12
C ALA B 504 -20.53 -16.13 -19.98
N THR B 505 -20.04 -16.49 -18.80
CA THR B 505 -20.09 -15.62 -17.62
C THR B 505 -19.09 -14.48 -17.68
N GLY B 506 -18.25 -14.42 -18.71
CA GLY B 506 -17.21 -13.42 -18.81
C GLY B 506 -15.92 -13.80 -18.12
N LYS B 507 -15.83 -15.02 -17.59
CA LYS B 507 -14.63 -15.46 -16.90
C LYS B 507 -13.55 -15.79 -17.92
N ILE B 508 -12.35 -15.29 -17.69
CA ILE B 508 -11.24 -15.52 -18.61
C ILE B 508 -10.88 -17.00 -18.59
N GLN B 509 -10.81 -17.59 -19.78
CA GLN B 509 -10.43 -18.99 -19.90
C GLN B 509 -8.90 -19.05 -19.88
N ARG B 510 -8.36 -19.04 -18.66
CA ARG B 510 -6.91 -19.00 -18.48
C ARG B 510 -6.24 -20.25 -19.04
N PHE B 511 -6.93 -21.39 -19.04
CA PHE B 511 -6.33 -22.61 -19.55
C PHE B 511 -6.03 -22.49 -21.04
N LYS B 512 -6.91 -21.83 -21.80
CA LYS B 512 -6.62 -21.62 -23.21
C LYS B 512 -5.37 -20.79 -23.39
N LEU B 513 -5.21 -19.75 -22.58
CA LEU B 513 -3.99 -18.96 -22.66
C LEU B 513 -2.78 -19.81 -22.33
N ARG B 514 -2.82 -20.53 -21.21
CA ARG B 514 -1.71 -21.40 -20.83
C ARG B 514 -1.40 -22.39 -21.96
N GLU B 515 -2.45 -23.01 -22.50
CA GLU B 515 -2.26 -24.05 -23.51
C GLU B 515 -1.79 -23.51 -24.84
N GLY B 516 -1.73 -22.20 -25.02
CA GLY B 516 -1.11 -21.62 -26.19
C GLY B 516 -2.02 -21.31 -27.35
N VAL B 517 -3.34 -21.35 -27.14
CA VAL B 517 -4.26 -21.11 -28.24
C VAL B 517 -3.98 -19.78 -28.92
N LEU B 518 -3.54 -18.76 -28.16
CA LEU B 518 -3.28 -17.44 -28.72
C LEU B 518 -1.77 -17.08 -28.76
P AMP C . -9.12 19.97 3.93
O1P AMP C . -8.72 19.15 2.55
O2P AMP C . -9.42 19.04 5.21
O5' AMP C . -7.97 21.10 4.29
C5' AMP C . -8.17 21.91 5.41
C4' AMP C . -7.05 22.74 5.50
O4' AMP C . -6.86 23.48 4.17
C3' AMP C . -7.23 23.91 6.55
O3' AMP C . -6.93 23.38 7.90
C2' AMP C . -6.34 24.75 6.14
O2' AMP C . -4.97 24.39 6.46
C1' AMP C . -6.48 24.68 4.48
N9 AMP C . -7.44 25.62 3.99
C8 AMP C . -8.63 25.34 3.49
N7 AMP C . -9.22 26.47 3.11
C5 AMP C . -8.36 27.51 3.39
C6 AMP C . -8.39 28.92 3.22
N6 AMP C . -9.56 29.52 2.63
N1 AMP C . -7.34 29.66 3.59
C2 AMP C . -6.25 29.11 4.13
N3 AMP C . -6.19 27.79 4.30
C4 AMP C . -7.23 26.97 3.93
HOP2 AMP C . -8.71 18.63 5.44
H5'1 AMP C . -8.25 21.38 6.21
H5'2 AMP C . -8.97 22.45 5.29
H4' AMP C . -6.27 22.21 5.71
H3' AMP C . -8.11 24.29 6.51
HO3' AMP C . -7.63 22.99 8.20
H2' AMP C . -6.56 25.64 6.47
HO2' AMP C . -4.47 25.07 6.42
H1' AMP C . -5.62 24.86 4.09
H8 AMP C . -9.01 24.49 3.42
HN61 AMP C . -10.23 29.73 3.13
HN62 AMP C . -9.59 29.66 1.78
H2 AMP C . -5.54 29.64 4.38
C3 F0O D . -11.99 23.76 2.33
C2 F0O D . -14.21 23.50 2.72
C1 F0O D . -10.66 21.64 2.69
C4 F0O D . -11.96 22.42 2.72
N1 F0O D . -13.22 24.30 2.35
O11 F0O D . -9.59 22.48 2.41
O12 F0O D . -10.54 20.75 3.73
S1 F0O D . -13.56 21.95 3.07
CL2 F0O D . -15.87 24.07 2.80
H3 F0O D . -11.23 24.24 2.08
P AMP E . 7.24 -21.02 -0.26
O1P AMP E . 5.68 -21.27 0.27
O2P AMP E . 7.68 -19.92 -1.43
O5' AMP E . 6.70 -21.83 -1.63
C5' AMP E . 6.23 -23.18 -1.62
C4' AMP E . 5.70 -23.51 -2.88
O4' AMP E . 6.75 -23.45 -4.01
C3' AMP E . 5.22 -25.03 -2.92
O3' AMP E . 3.84 -25.18 -2.36
C2' AMP E . 5.26 -25.34 -4.16
O2' AMP E . 4.11 -24.84 -4.90
C1' AMP E . 6.59 -24.52 -4.76
N9 AMP E . 7.74 -25.36 -4.73
C8 AMP E . 8.78 -25.24 -3.92
N7 AMP E . 9.68 -26.20 -4.20
C5 AMP E . 9.20 -26.94 -5.24
C6 AMP E . 9.67 -28.06 -5.98
N6 AMP E . 10.95 -28.65 -5.65
N1 AMP E . 8.92 -28.56 -6.97
C2 AMP E . 7.74 -28.03 -7.28
N3 AMP E . 7.26 -26.98 -6.61
C4 AMP E . 7.97 -26.42 -5.58
HOP2 AMP E . 7.85 -19.18 -1.07
H5'1 AMP E . 5.53 -23.27 -0.95
H5'2 AMP E . 6.96 -23.78 -1.42
H4' AMP E . 4.96 -22.93 -3.10
H3' AMP E . 5.84 -25.59 -2.44
HO3' AMP E . 3.89 -25.38 -1.54
H2' AMP E . 5.37 -26.30 -4.28
HO2' AMP E . 3.71 -25.49 -5.28
H1' AMP E . 6.41 -24.24 -5.67
H8 AMP E . 8.88 -24.60 -3.25
HN61 AMP E . 11.68 -28.28 -5.94
HN62 AMP E . 10.99 -29.36 -5.17
H2 AMP E . 7.23 -28.40 -7.96
C3 F0O F . 11.15 -24.29 -0.79
C2 F0O F . 11.92 -24.88 1.27
C1 F0O F . 9.42 -22.39 -0.69
C4 F0O F . 10.37 -23.39 -0.05
N1 F0O F . 11.97 -25.06 -0.04
O11 F0O F . 9.25 -22.71 -2.05
O12 F0O F . 8.25 -22.30 0.02
S1 F0O F . 10.77 -23.65 1.59
CL2 F0O F . 12.91 -25.81 2.40
H3 F0O F . 11.13 -24.33 -1.72
#